data_8XUA
#
_entry.id   8XUA
#
_cell.length_a   114.540
_cell.length_b   77.089
_cell.length_c   143.062
_cell.angle_alpha   90.00
_cell.angle_beta   95.09
_cell.angle_gamma   90.00
#
_symmetry.space_group_name_H-M   'C 1 2 1'
#
loop_
_entity.id
_entity.type
_entity.pdbx_description
1 polymer Porin
2 non-polymer (HYDROXYETHYLOXY)TRI(ETHYLOXY)OCTANE
3 non-polymer 'PHOSPHATE ION'
4 non-polymer 'SODIUM ION'
5 water water
#
_entity_poly.entity_id   1
_entity_poly.type   'polypeptide(L)'
_entity_poly.pdbx_seq_one_letter_code
;GSSYVTGNIQFHDDGRIHGSDMTSTLEAGHTFDNQFGGFTVYTEFDGIQLGKLETENGGAGNTTPAITVGGEQAFNITDH
LWVAAGYQHLFSAGESIQYRPLVKIGYNFDNGISLSNRTRAHIDATDADAKTDYRMDNRIGYAMNEDVTFSYNNVYMIEA
ETMDHELRATWTRQGVQPYFEFRSQAHGAENAAGDSLVNNAFVFGASYGF
;
_entity_poly.pdbx_strand_id   A,B,C,D
#
loop_
_chem_comp.id
_chem_comp.type
_chem_comp.name
_chem_comp.formula
C8E non-polymer (HYDROXYETHYLOXY)TRI(ETHYLOXY)OCTANE 'C16 H34 O5'
NA non-polymer 'SODIUM ION' 'Na 1'
PO4 non-polymer 'PHOSPHATE ION' 'O4 P -3'
#
# COMPACT_ATOMS: atom_id res chain seq x y z
N GLY A 1 -18.86 13.84 -24.12
CA GLY A 1 -17.87 14.90 -24.04
C GLY A 1 -17.76 15.51 -22.66
N SER A 2 -16.54 15.72 -22.20
CA SER A 2 -16.36 16.34 -20.90
C SER A 2 -15.00 17.02 -20.85
N SER A 3 -14.97 18.18 -20.18
CA SER A 3 -13.76 18.92 -19.87
C SER A 3 -13.48 18.81 -18.38
N TYR A 4 -12.24 19.09 -17.99
CA TYR A 4 -11.94 19.06 -16.57
C TYR A 4 -10.68 19.85 -16.29
N VAL A 5 -10.57 20.36 -15.06
CA VAL A 5 -9.36 20.98 -14.56
C VAL A 5 -9.04 20.36 -13.23
N THR A 6 -7.76 20.36 -12.88
CA THR A 6 -7.32 19.91 -11.58
C THR A 6 -6.04 20.64 -11.26
N GLY A 7 -5.67 20.67 -9.99
CA GLY A 7 -4.52 21.44 -9.59
C GLY A 7 -4.36 21.34 -8.10
N ASN A 8 -3.14 21.61 -7.66
CA ASN A 8 -2.88 21.56 -6.23
C ASN A 8 -1.79 22.54 -5.85
N ILE A 9 -1.68 22.75 -4.53
CA ILE A 9 -0.57 23.44 -3.89
C ILE A 9 0.16 22.43 -3.03
N GLN A 10 1.49 22.43 -3.10
CA GLN A 10 2.31 21.45 -2.41
C GLN A 10 3.29 22.17 -1.49
N PHE A 11 3.22 21.85 -0.18
CA PHE A 11 4.15 22.39 0.82
C PHE A 11 5.18 21.33 1.17
N HIS A 12 6.46 21.62 0.99
CA HIS A 12 7.52 20.63 1.10
C HIS A 12 8.39 20.85 2.34
N ASP A 13 8.75 19.75 3.03
CA ASP A 13 9.63 19.82 4.19
C ASP A 13 11.10 19.68 3.83
N ASP A 14 11.40 19.51 2.54
CA ASP A 14 12.77 19.48 2.02
C ASP A 14 12.56 19.74 0.52
N GLY A 15 12.79 20.94 0.08
CA GLY A 15 12.30 21.13 -1.27
C GLY A 15 13.35 20.93 -2.32
N ARG A 16 14.35 20.09 -2.04
CA ARG A 16 15.52 20.06 -2.92
C ARG A 16 15.18 19.44 -4.28
N ILE A 17 14.44 18.32 -4.31
CA ILE A 17 14.15 17.71 -5.62
C ILE A 17 13.32 18.64 -6.47
N HIS A 18 12.54 19.51 -5.84
CA HIS A 18 11.70 20.45 -6.58
C HIS A 18 12.35 21.78 -6.83
N GLY A 19 13.45 22.09 -6.13
CA GLY A 19 14.06 23.40 -6.21
C GLY A 19 13.40 24.49 -5.37
N SER A 20 12.42 24.15 -4.55
CA SER A 20 11.57 25.16 -3.91
C SER A 20 10.75 24.51 -2.81
N ASP A 21 10.39 25.30 -1.78
CA ASP A 21 9.64 24.83 -0.60
C ASP A 21 8.16 24.68 -0.87
N MET A 22 7.69 25.29 -1.94
CA MET A 22 6.30 25.27 -2.32
C MET A 22 6.23 25.11 -3.83
N THR A 23 5.35 24.23 -4.31
CA THR A 23 5.12 24.11 -5.74
C THR A 23 3.64 23.86 -6.00
N SER A 24 3.28 23.95 -7.27
CA SER A 24 1.95 23.64 -7.78
C SER A 24 2.06 22.79 -9.04
N THR A 25 1.12 21.86 -9.20
CA THR A 25 0.93 21.13 -10.43
C THR A 25 -0.50 21.34 -10.90
N LEU A 26 -0.67 21.59 -12.20
CA LEU A 26 -1.98 21.99 -12.71
C LEU A 26 -2.21 21.25 -14.00
N GLU A 27 -3.48 20.93 -14.27
CA GLU A 27 -3.77 20.08 -15.41
C GLU A 27 -5.17 20.36 -15.92
N ALA A 28 -5.32 20.31 -17.24
CA ALA A 28 -6.59 20.54 -17.93
C ALA A 28 -6.69 19.61 -19.13
N GLY A 29 -7.88 19.07 -19.36
CA GLY A 29 -8.06 18.22 -20.53
C GLY A 29 -9.52 18.07 -20.89
N HIS A 30 -9.74 17.48 -22.05
CA HIS A 30 -11.08 17.21 -22.52
C HIS A 30 -11.14 15.75 -22.96
N THR A 31 -12.32 15.13 -22.81
CA THR A 31 -12.53 13.77 -23.27
C THR A 31 -13.57 13.75 -24.38
N PHE A 32 -13.16 13.36 -25.58
CA PHE A 32 -14.13 13.07 -26.62
C PHE A 32 -14.48 11.59 -26.59
N ASP A 33 -15.78 11.30 -26.71
CA ASP A 33 -16.27 9.94 -26.70
C ASP A 33 -16.28 9.41 -28.13
N ASN A 34 -15.77 8.19 -28.32
CA ASN A 34 -15.82 7.52 -29.61
C ASN A 34 -16.26 6.07 -29.36
N GLN A 35 -16.05 5.20 -30.36
CA GLN A 35 -16.48 3.81 -30.20
C GLN A 35 -15.73 3.10 -29.09
N PHE A 36 -14.40 3.20 -29.09
CA PHE A 36 -13.61 2.46 -28.13
C PHE A 36 -13.83 2.95 -26.70
N GLY A 37 -14.07 4.25 -26.54
CA GLY A 37 -14.29 4.83 -25.23
C GLY A 37 -13.97 6.32 -25.23
N GLY A 38 -13.26 6.75 -24.19
CA GLY A 38 -12.84 8.12 -24.10
C GLY A 38 -11.49 8.30 -24.76
N PHE A 39 -11.38 9.30 -25.62
CA PHE A 39 -10.10 9.80 -26.07
C PHE A 39 -9.88 11.16 -25.40
N THR A 40 -8.82 11.26 -24.60
CA THR A 40 -8.57 12.41 -23.74
C THR A 40 -7.25 13.08 -24.12
N VAL A 41 -7.31 14.36 -24.45
CA VAL A 41 -6.15 15.20 -24.66
C VAL A 41 -6.00 16.15 -23.46
N TYR A 42 -4.76 16.43 -23.07
CA TYR A 42 -4.56 17.19 -21.85
C TYR A 42 -3.18 17.83 -21.86
N THR A 43 -3.00 18.78 -20.94
CA THR A 43 -1.71 19.39 -20.70
C THR A 43 -1.51 19.57 -19.21
N GLU A 44 -0.26 19.42 -18.76
CA GLU A 44 0.07 19.46 -17.34
C GLU A 44 1.25 20.41 -17.16
N PHE A 45 1.14 21.32 -16.21
CA PHE A 45 2.29 22.08 -15.74
C PHE A 45 2.67 21.43 -14.40
N ASP A 46 3.78 20.74 -14.39
CA ASP A 46 4.31 20.13 -13.19
C ASP A 46 5.52 20.92 -12.72
N GLY A 47 5.54 21.28 -11.44
CA GLY A 47 6.72 21.85 -10.84
C GLY A 47 6.78 23.36 -10.85
N ILE A 48 5.63 24.04 -10.87
CA ILE A 48 5.62 25.49 -10.80
C ILE A 48 6.15 25.91 -9.44
N GLN A 49 7.25 26.64 -9.42
CA GLN A 49 7.87 26.98 -8.15
C GLN A 49 7.17 28.19 -7.52
N LEU A 50 6.66 28.01 -6.30
CA LEU A 50 5.98 29.05 -5.55
C LEU A 50 6.74 29.50 -4.31
N GLY A 51 7.61 28.66 -3.74
CA GLY A 51 8.25 28.93 -2.47
C GLY A 51 9.72 29.33 -2.59
N LYS A 52 10.30 29.54 -1.40
CA LYS A 52 11.72 29.84 -1.27
C LYS A 52 12.55 28.78 -1.99
N LEU A 53 13.54 29.24 -2.76
CA LEU A 53 14.34 28.34 -3.61
C LEU A 53 15.32 27.53 -2.79
N GLU A 54 15.37 26.23 -3.05
CA GLU A 54 16.36 25.33 -2.47
C GLU A 54 17.47 25.10 -3.47
N THR A 55 18.65 25.64 -3.20
CA THR A 55 19.77 25.52 -4.13
C THR A 55 20.98 24.77 -3.56
N GLU A 56 21.03 24.54 -2.26
CA GLU A 56 22.20 23.91 -1.67
C GLU A 56 21.97 22.40 -1.59
N ASN A 57 23.07 21.67 -1.42
CA ASN A 57 23.03 20.25 -1.06
C ASN A 57 22.19 19.44 -2.04
N GLY A 58 22.31 19.72 -3.32
CA GLY A 58 21.59 18.95 -4.29
C GLY A 58 20.26 19.54 -4.72
N GLY A 59 19.83 20.63 -4.09
CA GLY A 59 18.60 21.27 -4.51
C GLY A 59 18.69 21.77 -5.95
N ALA A 60 17.58 21.63 -6.66
CA ALA A 60 17.53 21.98 -8.07
C ALA A 60 17.57 23.49 -8.32
N GLY A 61 17.28 24.31 -7.31
CA GLY A 61 17.36 25.73 -7.61
C GLY A 61 16.27 26.20 -8.57
N ASN A 62 16.55 27.30 -9.26
CA ASN A 62 15.53 27.90 -10.12
C ASN A 62 15.35 27.02 -11.36
N THR A 63 14.31 26.20 -11.37
CA THR A 63 13.99 25.34 -12.48
C THR A 63 13.08 26.06 -13.47
N THR A 64 12.85 25.39 -14.64
CA THR A 64 11.73 25.72 -15.52
C THR A 64 10.71 24.59 -15.45
N PRO A 65 9.42 24.89 -15.54
CA PRO A 65 8.40 23.88 -15.25
C PRO A 65 8.44 22.70 -16.24
N ALA A 66 7.83 21.59 -15.83
CA ALA A 66 7.75 20.38 -16.65
C ALA A 66 6.43 20.37 -17.38
N ILE A 67 6.46 20.58 -18.70
CA ILE A 67 5.25 20.70 -19.52
C ILE A 67 4.96 19.38 -20.21
N THR A 68 3.79 18.82 -19.96
CA THR A 68 3.27 17.64 -20.65
C THR A 68 2.11 18.03 -21.56
N VAL A 69 2.17 17.61 -22.80
CA VAL A 69 0.98 17.48 -23.63
C VAL A 69 0.82 16.01 -23.94
N GLY A 70 -0.42 15.54 -23.99
CA GLY A 70 -0.64 14.11 -24.11
C GLY A 70 -1.97 13.78 -24.73
N GLY A 71 -2.05 12.53 -25.23
CA GLY A 71 -3.28 11.92 -25.71
C GLY A 71 -3.38 10.46 -25.30
N GLU A 72 -4.58 10.01 -24.98
CA GLU A 72 -4.83 8.68 -24.41
C GLU A 72 -6.17 8.16 -24.93
N GLN A 73 -6.19 6.91 -25.38
CA GLN A 73 -7.42 6.23 -25.76
C GLN A 73 -7.76 5.19 -24.70
N ALA A 74 -8.95 5.28 -24.14
CA ALA A 74 -9.38 4.31 -23.14
C ALA A 74 -10.40 3.35 -23.75
N PHE A 75 -10.35 2.10 -23.31
CA PHE A 75 -11.23 1.06 -23.87
C PHE A 75 -11.90 0.37 -22.69
N ASN A 76 -13.21 0.49 -22.61
CA ASN A 76 -13.99 -0.24 -21.61
C ASN A 76 -14.17 -1.67 -22.09
N ILE A 77 -13.31 -2.58 -21.61
CA ILE A 77 -13.35 -3.98 -22.05
C ILE A 77 -14.57 -4.69 -21.47
N THR A 78 -14.74 -4.62 -20.15
CA THR A 78 -15.90 -5.07 -19.43
C THR A 78 -16.42 -3.88 -18.64
N ASP A 79 -17.56 -4.05 -17.96
CA ASP A 79 -18.13 -2.92 -17.24
C ASP A 79 -17.25 -2.46 -16.07
N HIS A 80 -16.29 -3.30 -15.67
CA HIS A 80 -15.41 -3.11 -14.52
C HIS A 80 -13.93 -3.09 -14.88
N LEU A 81 -13.53 -3.73 -15.98
CA LEU A 81 -12.16 -3.80 -16.42
C LEU A 81 -11.95 -2.86 -17.61
N TRP A 82 -10.99 -1.94 -17.49
CA TRP A 82 -10.68 -1.01 -18.56
C TRP A 82 -9.18 -1.00 -18.81
N VAL A 83 -8.80 -0.57 -20.01
CA VAL A 83 -7.40 -0.34 -20.36
C VAL A 83 -7.34 0.97 -21.14
N ALA A 84 -6.15 1.53 -21.21
CA ALA A 84 -5.93 2.73 -22.00
C ALA A 84 -4.52 2.69 -22.57
N ALA A 85 -4.33 3.44 -23.64
CA ALA A 85 -2.99 3.64 -24.17
C ALA A 85 -2.91 5.04 -24.74
N GLY A 86 -1.71 5.60 -24.69
CA GLY A 86 -1.46 6.83 -25.41
C GLY A 86 -0.04 7.28 -25.25
N TYR A 87 0.15 8.59 -25.44
CA TYR A 87 1.47 9.16 -25.56
C TYR A 87 1.49 10.52 -24.86
N GLN A 88 2.53 10.78 -24.07
CA GLN A 88 2.79 12.09 -23.50
C GLN A 88 4.13 12.59 -24.00
N HIS A 89 4.20 13.88 -24.30
CA HIS A 89 5.46 14.56 -24.61
C HIS A 89 5.84 15.52 -23.47
N LEU A 90 7.03 15.36 -22.93
CA LEU A 90 7.52 16.22 -21.87
C LEU A 90 8.56 17.19 -22.41
N PHE A 91 8.30 18.50 -22.28
CA PHE A 91 9.30 19.49 -22.64
C PHE A 91 9.42 20.54 -21.55
N SER A 92 10.51 21.30 -21.60
CA SER A 92 10.75 22.33 -20.60
C SER A 92 11.53 23.44 -21.26
N ALA A 93 11.01 24.67 -21.15
CA ALA A 93 11.69 25.85 -21.67
C ALA A 93 12.08 25.64 -23.14
N GLY A 94 11.10 25.18 -23.92
CA GLY A 94 11.33 25.08 -25.35
C GLY A 94 12.25 23.95 -25.80
N GLU A 95 12.40 22.89 -25.02
CA GLU A 95 13.29 21.78 -25.33
C GLU A 95 12.62 20.49 -24.93
N SER A 96 12.46 19.57 -25.90
CA SER A 96 11.93 18.24 -25.60
C SER A 96 12.83 17.53 -24.60
N ILE A 97 12.24 17.09 -23.50
CA ILE A 97 12.95 16.40 -22.43
C ILE A 97 12.79 14.89 -22.53
N GLN A 98 11.56 14.38 -22.70
CA GLN A 98 11.34 12.95 -22.83
C GLN A 98 10.17 12.68 -23.76
N TYR A 99 10.24 11.54 -24.44
CA TYR A 99 9.08 10.92 -25.05
C TYR A 99 8.50 9.94 -24.05
N ARG A 100 7.19 10.03 -23.82
CA ARG A 100 6.55 9.22 -22.77
C ARG A 100 5.34 8.47 -23.30
N PRO A 101 5.56 7.40 -24.06
CA PRO A 101 4.44 6.48 -24.35
C PRO A 101 3.97 5.81 -23.07
N LEU A 102 2.68 5.47 -23.01
CA LEU A 102 2.15 4.92 -21.76
C LEU A 102 0.98 3.98 -22.02
N VAL A 103 0.78 3.05 -21.07
CA VAL A 103 -0.37 2.15 -21.03
C VAL A 103 -0.93 2.11 -19.61
N LYS A 104 -2.22 1.77 -19.52
CA LYS A 104 -2.96 1.78 -18.27
C LYS A 104 -3.89 0.58 -18.22
N ILE A 105 -4.14 0.10 -17.01
CA ILE A 105 -5.13 -0.95 -16.78
C ILE A 105 -5.72 -0.72 -15.40
N GLY A 106 -7.01 -0.99 -15.26
CA GLY A 106 -7.62 -0.87 -13.96
C GLY A 106 -8.92 -1.65 -13.86
N TYR A 107 -9.31 -1.91 -12.61
CA TYR A 107 -10.57 -2.57 -12.30
C TYR A 107 -11.35 -1.75 -11.29
N ASN A 108 -12.64 -1.52 -11.57
CA ASN A 108 -13.53 -0.84 -10.62
C ASN A 108 -14.56 -1.82 -10.09
N PHE A 109 -14.60 -2.01 -8.77
CA PHE A 109 -15.56 -2.91 -8.13
C PHE A 109 -16.81 -2.16 -7.71
N ASP A 110 -17.93 -2.89 -7.62
CA ASP A 110 -19.20 -2.29 -7.21
C ASP A 110 -19.17 -1.80 -5.77
N ASN A 111 -18.37 -2.42 -4.91
CA ASN A 111 -18.29 -1.98 -3.54
C ASN A 111 -17.51 -0.66 -3.39
N GLY A 112 -16.99 -0.12 -4.50
CA GLY A 112 -16.29 1.15 -4.48
C GLY A 112 -14.78 1.07 -4.42
N ILE A 113 -14.19 -0.12 -4.40
CA ILE A 113 -12.74 -0.25 -4.50
C ILE A 113 -12.36 -0.16 -5.96
N SER A 114 -11.23 0.49 -6.24
CA SER A 114 -10.75 0.49 -7.59
C SER A 114 -9.24 0.33 -7.59
N LEU A 115 -8.75 -0.43 -8.54
CA LEU A 115 -7.33 -0.68 -8.69
C LEU A 115 -6.93 -0.22 -10.08
N SER A 116 -5.72 0.30 -10.20
CA SER A 116 -5.24 0.72 -11.50
C SER A 116 -3.73 0.69 -11.52
N ASN A 117 -3.18 0.53 -12.72
CA ASN A 117 -1.78 0.72 -12.99
C ASN A 117 -1.65 1.63 -14.18
N ARG A 118 -0.69 2.55 -14.12
CA ARG A 118 -0.16 3.19 -15.31
C ARG A 118 1.33 2.87 -15.38
N THR A 119 1.77 2.45 -16.54
CA THR A 119 3.19 2.27 -16.81
C THR A 119 3.55 3.19 -17.96
N ARG A 120 4.47 4.11 -17.70
CA ARG A 120 4.86 5.14 -18.65
C ARG A 120 6.35 5.05 -18.86
N ALA A 121 6.76 4.95 -20.12
CA ALA A 121 8.18 4.89 -20.43
C ALA A 121 8.78 6.29 -20.41
N HIS A 122 10.04 6.40 -20.00
CA HIS A 122 10.72 7.69 -19.97
C HIS A 122 11.93 7.63 -20.90
N ILE A 123 11.69 7.92 -22.17
CA ILE A 123 12.72 7.83 -23.20
C ILE A 123 13.40 9.18 -23.31
N ASP A 124 14.70 9.23 -23.01
CA ASP A 124 15.44 10.48 -23.11
C ASP A 124 15.35 11.02 -24.52
N ALA A 125 14.91 12.27 -24.64
CA ALA A 125 14.77 12.96 -25.91
C ALA A 125 15.90 13.95 -26.18
N THR A 126 16.77 14.21 -25.20
CA THR A 126 17.92 15.08 -25.35
C THR A 126 19.10 14.30 -25.93
N ASP A 127 20.29 14.93 -25.96
CA ASP A 127 21.46 14.25 -26.48
C ASP A 127 22.13 13.35 -25.45
N ALA A 128 21.65 13.34 -24.21
CA ALA A 128 22.33 12.61 -23.15
C ALA A 128 22.29 11.09 -23.35
N ASP A 129 21.40 10.58 -24.21
CA ASP A 129 21.19 9.13 -24.41
C ASP A 129 21.13 8.35 -23.10
N ALA A 130 20.25 8.80 -22.20
CA ALA A 130 20.05 8.08 -20.94
C ALA A 130 19.23 6.81 -21.16
N LYS A 131 19.56 5.78 -20.38
CA LYS A 131 18.76 4.56 -20.40
C LYS A 131 17.31 4.90 -20.15
N THR A 132 16.43 4.37 -20.99
CA THR A 132 15.01 4.54 -20.79
C THR A 132 14.60 3.90 -19.48
N ASP A 133 13.94 4.68 -18.62
CA ASP A 133 13.36 4.15 -17.38
C ASP A 133 11.85 3.92 -17.57
N TYR A 134 11.23 3.34 -16.56
CA TYR A 134 9.80 3.03 -16.60
C TYR A 134 9.18 3.44 -15.28
N ARG A 135 8.11 4.24 -15.35
CA ARG A 135 7.38 4.69 -14.18
C ARG A 135 6.11 3.87 -14.02
N MET A 136 5.91 3.34 -12.82
CA MET A 136 4.66 2.69 -12.42
C MET A 136 3.91 3.55 -11.41
N ASP A 137 2.64 3.75 -11.65
CA ASP A 137 1.72 4.31 -10.68
C ASP A 137 0.76 3.19 -10.36
N ASN A 138 0.80 2.68 -9.13
CA ASN A 138 -0.11 1.64 -8.68
C ASN A 138 -1.02 2.22 -7.63
N ARG A 139 -2.28 2.43 -7.99
CA ARG A 139 -3.23 3.10 -7.15
C ARG A 139 -4.30 2.13 -6.66
N ILE A 140 -4.63 2.22 -5.39
CA ILE A 140 -5.84 1.63 -4.84
C ILE A 140 -6.69 2.76 -4.28
N GLY A 141 -7.96 2.78 -4.64
CA GLY A 141 -8.88 3.81 -4.17
C GLY A 141 -10.14 3.19 -3.60
N TYR A 142 -10.68 3.82 -2.57
CA TYR A 142 -11.89 3.36 -1.92
C TYR A 142 -12.87 4.51 -1.80
N ALA A 143 -14.03 4.37 -2.45
CA ALA A 143 -15.14 5.32 -2.27
C ALA A 143 -16.04 4.81 -1.16
N MET A 144 -15.75 5.24 0.07
CA MET A 144 -16.55 4.83 1.23
C MET A 144 -18.02 5.20 1.04
N ASN A 145 -18.28 6.40 0.56
CA ASN A 145 -19.63 6.89 0.30
C ASN A 145 -19.53 7.95 -0.79
N GLU A 146 -20.66 8.57 -1.10
CA GLU A 146 -20.68 9.62 -2.11
C GLU A 146 -19.95 10.88 -1.67
N ASP A 147 -19.46 10.95 -0.43
CA ASP A 147 -18.85 12.17 0.07
C ASP A 147 -17.34 12.15 0.09
N VAL A 148 -16.73 11.00 0.33
CA VAL A 148 -15.30 10.96 0.61
C VAL A 148 -14.73 9.71 -0.03
N THR A 149 -13.60 9.87 -0.72
CA THR A 149 -12.89 8.78 -1.36
C THR A 149 -11.45 8.85 -0.91
N PHE A 150 -10.90 7.73 -0.49
CA PHE A 150 -9.53 7.64 -0.06
C PHE A 150 -8.77 6.88 -1.13
N SER A 151 -7.46 7.13 -1.23
CA SER A 151 -6.65 6.44 -2.21
C SER A 151 -5.23 6.36 -1.71
N TYR A 152 -4.54 5.31 -2.12
CA TYR A 152 -3.10 5.17 -1.97
C TYR A 152 -2.50 4.95 -3.36
N ASN A 153 -1.38 5.62 -3.64
CA ASN A 153 -0.74 5.53 -4.94
C ASN A 153 0.74 5.33 -4.74
N ASN A 154 1.28 4.20 -5.22
CA ASN A 154 2.70 3.94 -5.17
C ASN A 154 3.34 4.33 -6.51
N VAL A 155 4.39 5.17 -6.47
CA VAL A 155 5.11 5.60 -7.67
C VAL A 155 6.47 4.94 -7.64
N TYR A 156 6.82 4.19 -8.68
CA TYR A 156 8.09 3.47 -8.66
C TYR A 156 8.80 3.59 -10.00
N MET A 157 10.09 3.91 -9.97
CA MET A 157 10.92 3.96 -11.17
C MET A 157 11.77 2.69 -11.22
N ILE A 158 11.63 1.92 -12.30
CA ILE A 158 12.17 0.56 -12.34
C ILE A 158 13.69 0.59 -12.33
N GLU A 159 14.30 1.45 -13.15
CA GLU A 159 15.74 1.47 -13.25
C GLU A 159 16.38 2.27 -12.14
N ALA A 160 15.99 3.53 -11.97
CA ALA A 160 16.58 4.36 -10.92
C ALA A 160 16.32 3.81 -9.52
N GLU A 161 15.29 2.97 -9.37
CA GLU A 161 14.94 2.40 -8.09
C GLU A 161 14.64 3.51 -7.09
N THR A 162 13.66 4.34 -7.45
CA THR A 162 13.12 5.36 -6.58
C THR A 162 11.62 5.14 -6.42
N MET A 163 11.07 5.63 -5.30
CA MET A 163 9.72 5.31 -4.89
C MET A 163 9.07 6.52 -4.23
N ASP A 164 7.82 6.84 -4.63
CA ASP A 164 6.97 7.83 -3.99
C ASP A 164 5.75 7.14 -3.39
N HIS A 165 5.22 7.73 -2.33
CA HIS A 165 4.00 7.26 -1.68
C HIS A 165 2.99 8.41 -1.66
N GLU A 166 1.74 8.11 -1.99
CA GLU A 166 0.72 9.14 -2.13
C GLU A 166 -0.54 8.68 -1.40
N LEU A 167 -0.88 9.36 -0.32
CA LEU A 167 -2.06 9.05 0.48
C LEU A 167 -3.04 10.21 0.36
N ARG A 168 -4.26 9.93 -0.07
CA ARG A 168 -5.13 11.04 -0.42
C ARG A 168 -6.55 10.81 0.07
N ALA A 169 -7.18 11.90 0.52
CA ALA A 169 -8.60 11.95 0.87
C ALA A 169 -9.25 13.03 0.02
N THR A 170 -10.41 12.72 -0.58
CA THR A 170 -11.04 13.60 -1.54
C THR A 170 -12.50 13.83 -1.16
N TRP A 171 -12.89 15.10 -1.04
CA TRP A 171 -14.28 15.43 -0.74
C TRP A 171 -15.07 15.47 -2.05
N THR A 172 -15.77 14.37 -2.37
CA THR A 172 -16.47 14.29 -3.64
C THR A 172 -17.83 14.97 -3.58
N ARG A 173 -17.85 16.22 -3.12
CA ARG A 173 -19.06 17.03 -3.16
C ARG A 173 -19.44 17.37 -4.59
N GLN A 174 -20.66 17.87 -4.76
CA GLN A 174 -21.07 18.36 -6.07
C GLN A 174 -20.38 19.68 -6.36
N GLY A 175 -19.80 19.79 -7.56
CA GLY A 175 -19.02 20.95 -7.92
C GLY A 175 -17.54 20.74 -7.70
N VAL A 176 -16.84 21.79 -7.25
CA VAL A 176 -15.40 21.68 -7.06
C VAL A 176 -15.11 20.67 -5.95
N GLN A 177 -14.29 19.66 -6.28
CA GLN A 177 -13.99 18.56 -5.37
C GLN A 177 -12.59 18.75 -4.80
N PRO A 178 -12.47 19.25 -3.56
CA PRO A 178 -11.14 19.48 -2.99
C PRO A 178 -10.58 18.23 -2.36
N TYR A 179 -9.27 18.24 -2.16
CA TYR A 179 -8.62 17.04 -1.68
C TYR A 179 -7.39 17.41 -0.87
N PHE A 180 -7.09 16.57 0.11
CA PHE A 180 -5.83 16.62 0.82
C PHE A 180 -5.03 15.38 0.45
N GLU A 181 -3.72 15.55 0.32
CA GLU A 181 -2.83 14.46 0.01
C GLU A 181 -1.54 14.67 0.79
N PHE A 182 -1.01 13.58 1.32
CA PHE A 182 0.34 13.54 1.88
C PHE A 182 1.22 12.67 0.98
N ARG A 183 2.38 13.22 0.61
CA ARG A 183 3.34 12.57 -0.28
C ARG A 183 4.66 12.41 0.43
N SER A 184 5.27 11.23 0.31
CA SER A 184 6.66 11.03 0.69
C SER A 184 7.41 10.59 -0.55
N GLN A 185 8.22 11.48 -1.11
CA GLN A 185 8.79 11.28 -2.44
C GLN A 185 10.29 11.04 -2.39
N ALA A 186 10.80 10.45 -3.47
CA ALA A 186 12.23 10.37 -3.76
C ALA A 186 13.00 9.43 -2.84
N HIS A 187 12.32 8.48 -2.19
CA HIS A 187 12.99 7.30 -1.61
C HIS A 187 13.91 6.65 -2.62
N GLY A 188 15.16 6.44 -2.24
CA GLY A 188 16.17 5.93 -3.14
C GLY A 188 16.98 6.98 -3.85
N ALA A 189 16.63 8.26 -3.73
CA ALA A 189 17.38 9.33 -4.37
C ALA A 189 18.45 9.86 -3.42
N GLU A 190 19.64 10.14 -3.98
CA GLU A 190 20.76 10.66 -3.21
C GLU A 190 21.40 11.80 -3.95
N ASN A 191 21.83 12.83 -3.22
CA ASN A 191 22.65 13.87 -3.81
C ASN A 191 24.07 13.34 -4.00
N ALA A 192 24.99 14.20 -4.41
CA ALA A 192 26.33 13.74 -4.73
C ALA A 192 27.03 13.14 -3.52
N ALA A 193 26.75 13.67 -2.33
CA ALA A 193 27.41 13.24 -1.09
C ALA A 193 26.74 12.03 -0.44
N GLY A 194 25.75 11.42 -1.10
CA GLY A 194 25.08 10.25 -0.56
C GLY A 194 23.93 10.51 0.39
N ASP A 195 23.58 11.77 0.64
CA ASP A 195 22.46 12.07 1.52
C ASP A 195 21.12 11.80 0.85
N SER A 196 20.15 11.36 1.66
CA SER A 196 18.81 11.09 1.17
C SER A 196 18.14 12.37 0.71
N LEU A 197 17.48 12.31 -0.44
CA LEU A 197 16.79 13.46 -0.99
C LEU A 197 15.31 13.41 -0.69
N VAL A 198 14.90 12.47 0.18
CA VAL A 198 13.49 12.24 0.46
C VAL A 198 12.79 13.56 0.77
N ASN A 199 11.63 13.77 0.15
CA ASN A 199 10.81 14.94 0.38
C ASN A 199 9.43 14.52 0.86
N ASN A 200 8.96 15.14 1.93
CA ASN A 200 7.58 14.97 2.38
C ASN A 200 6.83 16.27 2.09
N ALA A 201 5.60 16.13 1.62
CA ALA A 201 4.80 17.26 1.18
C ALA A 201 3.39 17.17 1.71
N PHE A 202 2.84 18.32 2.10
CA PHE A 202 1.41 18.45 2.36
C PHE A 202 0.79 19.07 1.13
N VAL A 203 -0.22 18.41 0.58
CA VAL A 203 -0.76 18.73 -0.73
C VAL A 203 -2.22 19.07 -0.59
N PHE A 204 -2.59 20.30 -0.99
CA PHE A 204 -3.98 20.72 -1.02
C PHE A 204 -4.32 20.98 -2.48
N GLY A 205 -5.42 20.39 -2.96
CA GLY A 205 -5.73 20.43 -4.37
C GLY A 205 -7.23 20.48 -4.59
N ALA A 206 -7.62 20.64 -5.86
CA ALA A 206 -9.04 20.63 -6.17
C ALA A 206 -9.23 20.15 -7.59
N SER A 207 -10.44 19.68 -7.90
CA SER A 207 -10.76 19.24 -9.27
C SER A 207 -12.20 19.60 -9.61
N TYR A 208 -12.47 19.72 -10.91
CA TYR A 208 -13.82 19.97 -11.38
C TYR A 208 -14.02 19.35 -12.75
N GLY A 209 -15.07 18.54 -12.88
CA GLY A 209 -15.42 17.92 -14.15
C GLY A 209 -16.69 18.58 -14.70
N PHE A 210 -16.69 18.82 -16.01
CA PHE A 210 -17.84 19.40 -16.70
C PHE A 210 -17.84 19.07 -18.19
N GLY B 1 -23.50 33.19 -5.82
CA GLY B 1 -22.08 32.90 -5.82
C GLY B 1 -21.68 32.19 -7.10
N SER B 2 -20.40 32.27 -7.44
CA SER B 2 -19.93 31.61 -8.65
C SER B 2 -18.42 31.55 -8.63
N SER B 3 -17.90 30.48 -9.22
CA SER B 3 -16.47 30.33 -9.39
C SER B 3 -16.13 30.50 -10.87
N TYR B 4 -14.83 30.57 -11.14
CA TYR B 4 -14.39 30.80 -12.50
C TYR B 4 -12.93 30.42 -12.61
N VAL B 5 -12.59 29.87 -13.76
CA VAL B 5 -11.20 29.68 -14.16
C VAL B 5 -10.97 30.46 -15.44
N THR B 6 -9.73 30.96 -15.61
CA THR B 6 -9.34 31.54 -16.88
C THR B 6 -7.84 31.37 -17.04
N GLY B 7 -7.37 31.37 -18.29
CA GLY B 7 -5.94 31.21 -18.51
C GLY B 7 -5.60 31.29 -19.99
N ASN B 8 -4.32 31.22 -20.29
CA ASN B 8 -3.96 31.24 -21.71
C ASN B 8 -2.55 30.70 -21.93
N ILE B 9 -2.23 30.59 -23.23
CA ILE B 9 -0.90 30.30 -23.73
C ILE B 9 -0.48 31.51 -24.54
N GLN B 10 0.78 31.95 -24.36
CA GLN B 10 1.30 33.13 -25.05
C GLN B 10 2.56 32.80 -25.85
N PHE B 11 2.52 33.07 -27.15
CA PHE B 11 3.68 32.97 -28.01
C PHE B 11 4.27 34.37 -28.27
N HIS B 12 5.57 34.53 -28.02
CA HIS B 12 6.20 35.85 -28.05
C HIS B 12 7.19 35.96 -29.21
N ASP B 13 7.08 37.03 -29.99
CA ASP B 13 7.98 37.14 -31.13
C ASP B 13 9.35 37.70 -30.76
N ASP B 14 9.54 38.16 -29.54
CA ASP B 14 10.86 38.54 -29.06
C ASP B 14 11.11 37.82 -27.75
N GLY B 15 10.23 38.00 -26.77
CA GLY B 15 10.27 37.19 -25.57
C GLY B 15 11.20 37.66 -24.47
N ARG B 16 11.92 38.77 -24.67
CA ARG B 16 12.91 39.20 -23.68
C ARG B 16 12.26 39.72 -22.39
N ILE B 17 11.19 40.52 -22.51
CA ILE B 17 10.55 41.02 -21.28
C ILE B 17 9.98 39.87 -20.48
N HIS B 18 9.57 38.79 -21.14
CA HIS B 18 9.07 37.60 -20.44
C HIS B 18 10.18 36.61 -20.09
N GLY B 19 11.35 36.71 -20.72
CA GLY B 19 12.43 35.80 -20.47
C GLY B 19 12.29 34.47 -21.18
N SER B 20 11.33 34.36 -22.09
CA SER B 20 11.02 33.09 -22.73
C SER B 20 10.17 33.36 -23.95
N ASP B 21 10.22 32.44 -24.91
CA ASP B 21 9.46 32.62 -26.15
C ASP B 21 8.01 32.20 -26.00
N MET B 22 7.66 31.53 -24.89
CA MET B 22 6.31 31.03 -24.69
C MET B 22 6.04 31.02 -23.19
N THR B 23 4.93 31.65 -22.80
CA THR B 23 4.55 31.78 -21.40
C THR B 23 3.07 31.47 -21.24
N SER B 24 2.62 31.43 -19.99
CA SER B 24 1.24 31.14 -19.68
C SER B 24 0.83 31.92 -18.44
N THR B 25 -0.45 32.27 -18.39
CA THR B 25 -1.06 32.90 -17.22
C THR B 25 -2.34 32.14 -16.90
N LEU B 26 -2.53 31.80 -15.63
CA LEU B 26 -3.70 31.03 -15.21
C LEU B 26 -4.32 31.69 -14.00
N GLU B 27 -5.65 31.67 -13.92
CA GLU B 27 -6.27 32.34 -12.81
C GLU B 27 -7.56 31.60 -12.43
N ALA B 28 -7.81 31.55 -11.12
CA ALA B 28 -8.99 30.90 -10.57
C ALA B 28 -9.52 31.79 -9.44
N GLY B 29 -10.83 31.95 -9.41
CA GLY B 29 -11.38 32.81 -8.37
C GLY B 29 -12.83 32.53 -8.06
N HIS B 30 -13.32 33.20 -7.03
CA HIS B 30 -14.68 33.00 -6.55
C HIS B 30 -15.28 34.31 -6.09
N THR B 31 -16.52 34.55 -6.49
CA THR B 31 -17.28 35.73 -6.09
C THR B 31 -18.30 35.34 -5.01
N PHE B 32 -18.04 35.71 -3.76
CA PHE B 32 -19.11 35.63 -2.75
C PHE B 32 -20.11 36.73 -3.01
N ASP B 33 -21.39 36.41 -2.83
CA ASP B 33 -22.43 37.41 -3.05
C ASP B 33 -22.86 38.07 -1.74
N ASN B 34 -22.82 39.39 -1.74
CA ASN B 34 -23.45 40.27 -0.76
C ASN B 34 -24.33 41.24 -1.54
N GLN B 35 -24.92 42.20 -0.84
CA GLN B 35 -25.89 43.07 -1.51
C GLN B 35 -25.25 44.28 -2.18
N PHE B 36 -23.97 44.55 -1.94
CA PHE B 36 -23.34 45.65 -2.67
C PHE B 36 -23.10 45.31 -4.13
N GLY B 37 -23.03 44.02 -4.44
CA GLY B 37 -22.63 43.58 -5.76
C GLY B 37 -21.99 42.22 -5.56
N GLY B 38 -20.72 42.10 -5.89
CA GLY B 38 -19.97 40.90 -5.58
C GLY B 38 -18.67 41.20 -4.88
N PHE B 39 -18.26 40.27 -4.03
CA PHE B 39 -16.91 40.25 -3.49
C PHE B 39 -16.19 39.05 -4.04
N THR B 40 -15.14 39.30 -4.85
CA THR B 40 -14.43 38.26 -5.59
C THR B 40 -13.05 38.04 -5.00
N VAL B 41 -12.69 36.78 -4.78
CA VAL B 41 -11.32 36.43 -4.43
C VAL B 41 -10.73 35.65 -5.57
N TYR B 42 -9.41 35.72 -5.69
CA TYR B 42 -8.80 35.07 -6.83
C TYR B 42 -7.31 34.90 -6.59
N THR B 43 -6.71 34.05 -7.42
CA THR B 43 -5.28 33.88 -7.45
C THR B 43 -4.89 33.72 -8.91
N GLU B 44 -3.71 34.23 -9.25
CA GLU B 44 -3.21 34.29 -10.62
C GLU B 44 -1.77 33.82 -10.59
N PHE B 45 -1.44 32.84 -11.43
CA PHE B 45 -0.05 32.44 -11.66
C PHE B 45 0.34 33.09 -12.97
N ASP B 46 1.19 34.10 -12.90
CA ASP B 46 1.55 34.87 -14.08
C ASP B 46 3.02 34.64 -14.44
N GLY B 47 3.29 34.52 -15.74
CA GLY B 47 4.64 34.43 -16.21
C GLY B 47 5.22 33.04 -16.22
N ILE B 48 4.38 32.00 -16.18
CA ILE B 48 4.91 30.64 -16.24
C ILE B 48 5.63 30.49 -17.58
N GLN B 49 6.84 29.96 -17.55
CA GLN B 49 7.69 29.93 -18.73
C GLN B 49 7.61 28.57 -19.40
N LEU B 50 7.29 28.57 -20.70
CA LEU B 50 7.21 27.33 -21.46
C LEU B 50 8.27 27.19 -22.54
N GLY B 51 8.64 28.30 -23.19
CA GLY B 51 9.48 28.27 -24.36
C GLY B 51 10.94 28.59 -24.08
N LYS B 52 11.70 28.67 -25.17
CA LYS B 52 13.14 28.91 -25.07
C LYS B 52 13.44 30.18 -24.28
N LEU B 53 14.31 30.05 -23.29
CA LEU B 53 14.69 31.19 -22.48
C LEU B 53 15.34 32.27 -23.36
N GLU B 54 15.00 33.52 -23.06
CA GLU B 54 15.62 34.70 -23.66
C GLU B 54 16.45 35.35 -22.58
N THR B 55 17.77 35.21 -22.70
CA THR B 55 18.66 35.55 -21.61
C THR B 55 19.61 36.69 -21.94
N GLU B 56 19.75 37.07 -23.21
CA GLU B 56 20.67 38.09 -23.67
C GLU B 56 19.98 39.42 -23.97
N ASN B 57 20.81 40.46 -24.07
CA ASN B 57 20.42 41.77 -24.63
C ASN B 57 19.22 42.40 -23.92
N GLY B 58 19.11 42.17 -22.61
CA GLY B 58 17.99 42.67 -21.85
C GLY B 58 16.93 41.64 -21.50
N GLY B 59 17.07 40.41 -21.99
CA GLY B 59 16.11 39.36 -21.66
C GLY B 59 16.15 39.03 -20.18
N ALA B 60 14.98 38.65 -19.64
CA ALA B 60 14.89 38.38 -18.21
C ALA B 60 15.42 37.00 -17.82
N GLY B 61 15.57 36.06 -18.76
CA GLY B 61 16.13 34.78 -18.37
C GLY B 61 15.15 33.96 -17.53
N ASN B 62 15.70 32.97 -16.81
CA ASN B 62 14.90 32.04 -16.05
C ASN B 62 14.34 32.74 -14.81
N THR B 63 13.04 33.04 -14.83
CA THR B 63 12.39 33.78 -13.75
C THR B 63 11.67 32.83 -12.81
N THR B 64 11.12 33.40 -11.73
CA THR B 64 10.15 32.64 -10.97
C THR B 64 8.77 33.28 -11.13
N PRO B 65 7.72 32.48 -11.17
CA PRO B 65 6.42 33.02 -11.57
C PRO B 65 5.93 34.12 -10.62
N ALA B 66 5.08 34.98 -11.16
CA ALA B 66 4.42 36.02 -10.39
C ALA B 66 3.13 35.47 -9.81
N ILE B 67 3.08 35.30 -8.49
CA ILE B 67 1.87 34.81 -7.83
C ILE B 67 1.13 36.00 -7.22
N THR B 68 -0.09 36.23 -7.69
CA THR B 68 -1.01 37.24 -7.15
C THR B 68 -2.10 36.55 -6.31
N VAL B 69 -2.40 37.10 -5.14
CA VAL B 69 -3.66 36.79 -4.45
C VAL B 69 -4.40 38.10 -4.28
N GLY B 70 -5.71 38.08 -4.43
CA GLY B 70 -6.43 39.34 -4.51
C GLY B 70 -7.86 39.26 -4.03
N GLY B 71 -8.35 40.38 -3.51
CA GLY B 71 -9.76 40.55 -3.22
C GLY B 71 -10.23 41.88 -3.74
N GLU B 72 -11.52 41.93 -4.08
CA GLU B 72 -12.15 43.08 -4.71
C GLU B 72 -13.62 43.08 -4.37
N GLN B 73 -14.14 44.27 -4.09
CA GLN B 73 -15.56 44.49 -3.80
C GLN B 73 -16.06 45.50 -4.80
N ALA B 74 -17.13 45.15 -5.52
CA ALA B 74 -17.67 46.06 -6.51
C ALA B 74 -18.98 46.67 -6.04
N PHE B 75 -19.24 47.86 -6.53
CA PHE B 75 -20.42 48.63 -6.15
C PHE B 75 -21.10 49.13 -7.41
N ASN B 76 -22.40 48.97 -7.50
CA ASN B 76 -23.15 49.60 -8.55
C ASN B 76 -23.56 50.96 -8.03
N ILE B 77 -23.19 52.01 -8.76
CA ILE B 77 -23.61 53.36 -8.40
C ILE B 77 -24.93 53.62 -9.08
N THR B 78 -24.97 53.53 -10.41
CA THR B 78 -26.21 53.32 -11.14
C THR B 78 -26.23 51.88 -11.61
N ASP B 79 -27.28 51.50 -12.33
CA ASP B 79 -27.33 50.16 -12.91
C ASP B 79 -26.26 49.95 -13.95
N HIS B 80 -25.76 51.04 -14.55
CA HIS B 80 -24.75 50.96 -15.58
C HIS B 80 -23.44 51.64 -15.21
N LEU B 81 -23.37 52.35 -14.11
CA LEU B 81 -22.13 52.93 -13.62
C LEU B 81 -21.72 52.20 -12.36
N TRP B 82 -20.54 51.60 -12.39
CA TRP B 82 -20.04 50.82 -11.27
C TRP B 82 -18.61 51.23 -10.96
N VAL B 83 -18.18 50.94 -9.72
CA VAL B 83 -16.81 51.12 -9.27
C VAL B 83 -16.46 49.91 -8.42
N ALA B 84 -15.20 49.86 -8.01
CA ALA B 84 -14.72 48.78 -7.16
C ALA B 84 -13.44 49.23 -6.48
N ALA B 85 -13.11 48.56 -5.38
CA ALA B 85 -11.86 48.74 -4.66
C ALA B 85 -11.36 47.37 -4.25
N GLY B 86 -10.05 47.21 -4.22
CA GLY B 86 -9.54 45.91 -3.87
C GLY B 86 -8.04 45.97 -3.66
N TYR B 87 -7.49 44.81 -3.37
CA TYR B 87 -6.09 44.68 -2.99
C TYR B 87 -5.52 43.43 -3.65
N GLN B 88 -4.37 43.56 -4.27
CA GLN B 88 -3.62 42.41 -4.74
C GLN B 88 -2.29 42.39 -4.02
N HIS B 89 -1.80 41.20 -3.72
CA HIS B 89 -0.46 41.02 -3.20
C HIS B 89 0.36 40.14 -4.13
N LEU B 90 1.57 40.58 -4.45
CA LEU B 90 2.44 39.87 -5.38
C LEU B 90 3.50 39.12 -4.59
N PHE B 91 3.53 37.80 -4.72
CA PHE B 91 4.62 36.98 -4.21
C PHE B 91 5.44 36.40 -5.36
N SER B 92 6.68 36.04 -5.06
CA SER B 92 7.46 35.28 -6.03
C SER B 92 8.58 34.54 -5.31
N ALA B 93 8.70 33.25 -5.60
CA ALA B 93 9.72 32.40 -5.00
C ALA B 93 9.70 32.55 -3.48
N GLY B 94 8.49 32.46 -2.92
CA GLY B 94 8.29 32.45 -1.49
C GLY B 94 8.43 33.77 -0.77
N GLU B 95 8.52 34.89 -1.50
CA GLU B 95 8.81 36.21 -0.94
C GLU B 95 7.70 37.18 -1.30
N SER B 96 7.51 38.22 -0.49
CA SER B 96 6.65 39.34 -0.87
C SER B 96 7.35 40.24 -1.86
N ILE B 97 6.70 40.48 -3.00
CA ILE B 97 7.27 41.31 -4.04
C ILE B 97 6.68 42.70 -4.04
N GLN B 98 5.35 42.83 -4.02
CA GLN B 98 4.74 44.14 -4.05
C GLN B 98 3.41 44.13 -3.31
N TYR B 99 3.07 45.29 -2.75
CA TYR B 99 1.71 45.56 -2.28
C TYR B 99 1.02 46.28 -3.43
N ARG B 100 -0.14 45.77 -3.83
CA ARG B 100 -0.85 46.34 -4.98
C ARG B 100 -2.30 46.64 -4.68
N PRO B 101 -2.60 47.71 -3.97
CA PRO B 101 -3.98 48.18 -3.91
C PRO B 101 -4.43 48.69 -5.28
N LEU B 102 -5.73 48.50 -5.58
CA LEU B 102 -6.25 48.88 -6.89
C LEU B 102 -7.63 49.52 -6.76
N VAL B 103 -7.99 50.34 -7.76
CA VAL B 103 -9.36 50.85 -7.86
C VAL B 103 -9.84 50.74 -9.31
N LYS B 104 -11.15 50.54 -9.48
CA LYS B 104 -11.75 50.41 -10.79
C LYS B 104 -13.00 51.26 -10.86
N ILE B 105 -13.28 51.74 -12.06
CA ILE B 105 -14.54 52.39 -12.41
C ILE B 105 -14.87 52.03 -13.86
N GLY B 106 -16.16 51.87 -14.17
CA GLY B 106 -16.61 51.62 -15.53
C GLY B 106 -18.09 51.88 -15.71
N TYR B 107 -18.50 51.95 -16.99
CA TYR B 107 -19.90 52.15 -17.39
C TYR B 107 -20.26 51.19 -18.52
N ASN B 108 -21.48 50.64 -18.46
CA ASN B 108 -21.95 49.64 -19.44
C ASN B 108 -23.14 50.21 -20.20
N PHE B 109 -22.96 50.48 -21.50
CA PHE B 109 -24.05 50.98 -22.34
C PHE B 109 -24.92 49.82 -22.82
N ASP B 110 -26.20 50.14 -23.11
CA ASP B 110 -27.15 49.11 -23.58
C ASP B 110 -26.76 48.57 -24.95
N ASN B 111 -26.18 49.40 -25.80
CA ASN B 111 -25.80 48.95 -27.12
C ASN B 111 -24.58 47.96 -27.13
N GLY B 112 -24.06 47.48 -25.97
CA GLY B 112 -22.95 46.53 -25.95
C GLY B 112 -21.57 47.15 -25.77
N ILE B 113 -21.43 48.46 -25.89
CA ILE B 113 -20.18 49.12 -25.48
C ILE B 113 -20.06 49.09 -23.96
N SER B 114 -18.87 48.80 -23.47
CA SER B 114 -18.57 48.97 -22.06
C SER B 114 -17.19 49.59 -21.91
N LEU B 115 -17.05 50.44 -20.90
CA LEU B 115 -15.78 51.12 -20.68
C LEU B 115 -15.34 50.85 -19.25
N SER B 116 -14.03 50.81 -19.01
CA SER B 116 -13.57 50.56 -17.65
C SER B 116 -12.10 50.95 -17.50
N ASN B 117 -11.76 51.40 -16.30
CA ASN B 117 -10.39 51.70 -15.92
C ASN B 117 -10.05 50.82 -14.72
N ARG B 118 -8.80 50.36 -14.66
CA ARG B 118 -8.23 49.84 -13.44
C ARG B 118 -6.93 50.60 -13.20
N THR B 119 -6.80 51.18 -12.01
CA THR B 119 -5.57 51.82 -11.59
C THR B 119 -5.02 51.04 -10.42
N ARG B 120 -3.78 50.59 -10.54
CA ARG B 120 -3.19 49.65 -9.58
C ARG B 120 -1.83 50.17 -9.15
N ALA B 121 -1.67 50.38 -7.84
CA ALA B 121 -0.38 50.78 -7.31
C ALA B 121 0.58 49.60 -7.30
N HIS B 122 1.84 49.86 -7.64
CA HIS B 122 2.87 48.84 -7.52
C HIS B 122 3.87 49.35 -6.48
N ILE B 123 3.66 48.96 -5.24
CA ILE B 123 4.48 49.37 -4.10
C ILE B 123 5.45 48.23 -3.77
N ASP B 124 6.74 48.48 -3.98
CA ASP B 124 7.78 47.50 -3.68
C ASP B 124 7.75 47.02 -2.22
N ALA B 125 7.78 45.70 -2.03
CA ALA B 125 7.93 45.10 -0.71
C ALA B 125 9.29 44.43 -0.56
N THR B 126 10.14 44.53 -1.56
CA THR B 126 11.48 43.96 -1.53
C THR B 126 12.50 45.03 -1.12
N ASP B 127 13.75 44.60 -1.02
CA ASP B 127 14.81 45.48 -0.55
C ASP B 127 15.23 46.50 -1.59
N ALA B 128 14.95 46.25 -2.87
CA ALA B 128 15.32 47.22 -3.92
C ALA B 128 14.73 48.61 -3.67
N ASP B 129 13.81 48.76 -2.71
CA ASP B 129 13.18 50.04 -2.35
C ASP B 129 12.89 50.91 -3.57
N ALA B 130 12.28 50.30 -4.56
CA ALA B 130 12.01 50.97 -5.82
C ALA B 130 10.88 51.98 -5.67
N LYS B 131 10.86 52.93 -6.60
CA LYS B 131 9.83 53.95 -6.69
C LYS B 131 8.47 53.32 -7.00
N THR B 132 7.45 53.72 -6.25
CA THR B 132 6.10 53.23 -6.52
C THR B 132 5.69 53.56 -7.94
N ASP B 133 5.19 52.56 -8.67
CA ASP B 133 4.60 52.83 -9.96
C ASP B 133 3.09 52.55 -9.91
N TYR B 134 2.42 52.91 -11.01
CA TYR B 134 0.97 52.85 -11.12
C TYR B 134 0.60 52.29 -12.48
N ARG B 135 -0.09 51.17 -12.49
CA ARG B 135 -0.52 50.56 -13.74
C ARG B 135 -1.95 50.98 -14.03
N MET B 136 -2.18 51.48 -15.24
CA MET B 136 -3.53 51.79 -15.70
C MET B 136 -3.89 50.82 -16.82
N ASP B 137 -5.05 50.17 -16.69
CA ASP B 137 -5.67 49.36 -17.74
C ASP B 137 -6.94 50.07 -18.17
N ASN B 138 -6.95 50.69 -19.35
CA ASN B 138 -8.14 51.33 -19.90
C ASN B 138 -8.72 50.47 -21.02
N ARG B 139 -9.97 50.02 -20.87
CA ARG B 139 -10.53 49.02 -21.77
C ARG B 139 -11.86 49.51 -22.34
N ILE B 140 -12.02 49.34 -23.67
CA ILE B 140 -13.30 49.44 -24.35
C ILE B 140 -13.67 48.05 -24.87
N GLY B 141 -14.90 47.63 -24.61
CA GLY B 141 -15.38 46.34 -25.07
C GLY B 141 -16.65 46.47 -25.86
N TYR B 142 -16.76 45.67 -26.92
CA TYR B 142 -17.95 45.69 -27.78
C TYR B 142 -18.50 44.27 -27.86
N ALA B 143 -19.67 44.05 -27.25
CA ALA B 143 -20.38 42.78 -27.43
C ALA B 143 -21.33 42.96 -28.60
N MET B 144 -20.89 42.54 -29.79
CA MET B 144 -21.65 42.78 -31.02
C MET B 144 -22.94 41.97 -31.03
N ASN B 145 -22.91 40.78 -30.46
CA ASN B 145 -24.09 39.97 -30.23
C ASN B 145 -23.74 39.01 -29.11
N GLU B 146 -24.63 38.10 -28.79
CA GLU B 146 -24.34 37.24 -27.66
C GLU B 146 -23.30 36.19 -28.00
N ASP B 147 -22.78 36.17 -29.23
CA ASP B 147 -21.83 35.17 -29.66
C ASP B 147 -20.39 35.68 -29.75
N VAL B 148 -20.14 36.98 -29.79
CA VAL B 148 -18.77 37.45 -29.91
C VAL B 148 -18.66 38.83 -29.29
N THR B 149 -17.59 39.03 -28.53
CA THR B 149 -17.27 40.31 -27.92
C THR B 149 -15.86 40.66 -28.35
N PHE B 150 -15.65 41.91 -28.76
CA PHE B 150 -14.36 42.43 -29.15
C PHE B 150 -13.88 43.44 -28.11
N SER B 151 -12.57 43.53 -27.90
CA SER B 151 -12.09 44.45 -26.88
C SER B 151 -10.69 44.96 -27.21
N TYR B 152 -10.45 46.22 -26.85
CA TYR B 152 -9.15 46.86 -26.86
C TYR B 152 -8.81 47.29 -25.44
N ASN B 153 -7.65 46.90 -24.94
CA ASN B 153 -7.21 47.30 -23.61
C ASN B 153 -5.85 47.96 -23.74
N ASN B 154 -5.75 49.18 -23.23
CA ASN B 154 -4.50 49.90 -23.19
C ASN B 154 -3.88 49.71 -21.80
N VAL B 155 -2.62 49.31 -21.75
CA VAL B 155 -1.89 49.17 -20.48
C VAL B 155 -0.83 50.26 -20.46
N TYR B 156 -0.83 51.08 -19.42
CA TYR B 156 0.13 52.18 -19.32
C TYR B 156 0.70 52.22 -17.92
N MET B 157 2.02 52.24 -17.81
CA MET B 157 2.70 52.40 -16.53
C MET B 157 3.16 53.84 -16.40
N ILE B 158 2.55 54.58 -15.46
CA ILE B 158 2.71 56.03 -15.38
C ILE B 158 4.18 56.42 -15.24
N GLU B 159 4.90 55.81 -14.30
CA GLU B 159 6.30 56.19 -14.11
C GLU B 159 7.19 55.64 -15.21
N ALA B 160 7.24 54.31 -15.39
CA ALA B 160 8.07 53.72 -16.44
C ALA B 160 7.74 54.30 -17.81
N GLU B 161 6.53 54.81 -17.98
CA GLU B 161 6.05 55.31 -19.28
C GLU B 161 6.16 54.25 -20.37
N THR B 162 5.64 53.06 -20.06
CA THR B 162 5.54 51.99 -21.04
C THR B 162 4.07 51.72 -21.36
N MET B 163 3.81 51.22 -22.56
CA MET B 163 2.45 51.07 -23.05
C MET B 163 2.28 49.73 -23.76
N ASP B 164 1.16 49.07 -23.48
CA ASP B 164 0.76 47.83 -24.14
C ASP B 164 -0.57 48.05 -24.85
N HIS B 165 -0.70 47.51 -26.06
CA HIS B 165 -1.97 47.49 -26.77
C HIS B 165 -2.42 46.05 -26.80
N GLU B 166 -3.67 45.81 -26.43
CA GLU B 166 -4.25 44.48 -26.39
C GLU B 166 -5.58 44.49 -27.15
N LEU B 167 -5.69 43.63 -28.20
CA LEU B 167 -6.90 43.43 -28.97
C LEU B 167 -7.37 41.99 -28.87
N ARG B 168 -8.62 41.80 -28.49
CA ARG B 168 -9.11 40.47 -28.18
C ARG B 168 -10.44 40.22 -28.86
N ALA B 169 -10.64 38.97 -29.24
CA ALA B 169 -11.90 38.50 -29.78
C ALA B 169 -12.31 37.31 -28.94
N THR B 170 -13.53 37.35 -28.39
CA THR B 170 -13.97 36.29 -27.48
C THR B 170 -15.21 35.64 -28.04
N TRP B 171 -15.19 34.32 -28.13
CA TRP B 171 -16.39 33.57 -28.52
C TRP B 171 -17.20 33.32 -27.25
N THR B 172 -18.22 34.12 -26.99
CA THR B 172 -18.96 34.03 -25.74
C THR B 172 -20.13 33.04 -25.87
N ARG B 173 -19.78 31.78 -26.11
CA ARG B 173 -20.74 30.70 -26.16
C ARG B 173 -21.03 30.18 -24.75
N GLN B 174 -22.05 29.31 -24.65
CA GLN B 174 -22.34 28.62 -23.40
C GLN B 174 -21.21 27.66 -23.05
N GLY B 175 -20.66 27.82 -21.85
CA GLY B 175 -19.64 26.91 -21.41
C GLY B 175 -18.28 27.55 -21.54
N VAL B 176 -17.29 26.79 -21.99
CA VAL B 176 -15.95 27.33 -22.11
C VAL B 176 -15.91 28.36 -23.23
N GLN B 177 -15.45 29.57 -22.90
CA GLN B 177 -15.42 30.69 -23.84
C GLN B 177 -13.99 30.99 -24.28
N PRO B 178 -13.53 30.40 -25.39
CA PRO B 178 -12.16 30.66 -25.84
C PRO B 178 -11.99 32.09 -26.31
N TYR B 179 -10.72 32.54 -26.40
CA TYR B 179 -10.47 33.88 -26.90
C TYR B 179 -9.10 33.94 -27.55
N PHE B 180 -8.97 34.81 -28.56
CA PHE B 180 -7.67 35.11 -29.14
C PHE B 180 -7.34 36.58 -28.92
N GLU B 181 -6.09 36.83 -28.57
CA GLU B 181 -5.69 38.18 -28.23
C GLU B 181 -4.31 38.44 -28.82
N PHE B 182 -4.15 39.64 -29.34
CA PHE B 182 -2.89 40.14 -29.85
C PHE B 182 -2.44 41.24 -28.90
N ARG B 183 -1.23 41.11 -28.37
CA ARG B 183 -0.64 42.10 -27.47
C ARG B 183 0.58 42.72 -28.13
N SER B 184 0.58 44.03 -28.25
CA SER B 184 1.77 44.76 -28.68
C SER B 184 2.33 45.42 -27.44
N GLN B 185 3.42 44.87 -26.91
CA GLN B 185 3.83 45.18 -25.54
C GLN B 185 5.17 45.90 -25.48
N ALA B 186 5.32 46.65 -24.38
CA ALA B 186 6.58 47.22 -23.91
C ALA B 186 7.03 48.43 -24.72
N HIS B 187 6.13 49.03 -25.49
CA HIS B 187 6.41 50.32 -26.11
C HIS B 187 6.95 51.28 -25.07
N GLY B 188 8.15 51.80 -25.33
CA GLY B 188 8.90 52.61 -24.39
C GLY B 188 10.04 51.88 -23.69
N ALA B 189 10.02 50.57 -23.59
CA ALA B 189 11.07 49.88 -22.84
C ALA B 189 12.34 49.70 -23.68
N GLU B 190 13.49 49.85 -23.01
CA GLU B 190 14.78 49.74 -23.68
C GLU B 190 15.76 48.95 -22.82
N ASN B 191 16.70 48.27 -23.48
CA ASN B 191 17.76 47.61 -22.73
C ASN B 191 18.87 48.61 -22.42
N ALA B 192 19.91 48.12 -21.72
CA ALA B 192 21.05 48.95 -21.36
C ALA B 192 21.60 49.71 -22.57
N ALA B 193 21.67 49.07 -23.72
CA ALA B 193 22.20 49.69 -24.93
C ALA B 193 21.20 50.61 -25.61
N GLY B 194 20.04 50.86 -25.02
CA GLY B 194 19.04 51.71 -25.64
C GLY B 194 18.20 51.08 -26.75
N ASP B 195 18.27 49.76 -26.94
CA ASP B 195 17.46 49.08 -27.95
C ASP B 195 16.05 48.76 -27.43
N SER B 196 15.08 48.69 -28.35
CA SER B 196 13.68 48.53 -27.98
C SER B 196 13.33 47.09 -27.65
N LEU B 197 12.72 46.89 -26.49
CA LEU B 197 12.25 45.59 -26.02
C LEU B 197 10.81 45.28 -26.43
N VAL B 198 10.26 46.02 -27.38
CA VAL B 198 8.90 45.77 -27.85
C VAL B 198 8.71 44.29 -28.15
N ASN B 199 7.55 43.75 -27.75
CA ASN B 199 7.25 42.32 -27.90
C ASN B 199 5.84 42.15 -28.42
N ASN B 200 5.66 41.21 -29.33
CA ASN B 200 4.32 40.86 -29.83
C ASN B 200 3.95 39.48 -29.32
N ALA B 201 2.81 39.37 -28.67
CA ALA B 201 2.33 38.10 -28.18
C ALA B 201 1.09 37.69 -28.96
N PHE B 202 1.06 36.45 -29.43
CA PHE B 202 -0.18 35.83 -29.87
C PHE B 202 -0.68 34.96 -28.72
N VAL B 203 -1.92 35.20 -28.31
CA VAL B 203 -2.46 34.67 -27.07
C VAL B 203 -3.72 33.85 -27.35
N PHE B 204 -3.72 32.58 -26.94
CA PHE B 204 -4.89 31.71 -27.03
C PHE B 204 -5.36 31.37 -25.63
N GLY B 205 -6.64 31.57 -25.36
CA GLY B 205 -7.09 31.39 -23.99
C GLY B 205 -8.52 30.93 -23.87
N ALA B 206 -8.96 30.76 -22.63
CA ALA B 206 -10.31 30.30 -22.39
C ALA B 206 -10.73 30.68 -20.97
N SER B 207 -12.03 30.90 -20.79
CA SER B 207 -12.59 31.17 -19.47
C SER B 207 -13.80 30.28 -19.28
N TYR B 208 -14.11 29.99 -18.04
CA TYR B 208 -15.30 29.20 -17.77
C TYR B 208 -15.86 29.65 -16.45
N GLY B 209 -17.16 29.93 -16.43
CA GLY B 209 -17.88 30.27 -15.21
C GLY B 209 -18.78 29.13 -14.79
N PHE B 210 -18.77 28.82 -13.49
CA PHE B 210 -19.66 27.80 -12.92
C PHE B 210 -20.08 28.19 -11.50
N GLY C 1 17.46 -10.31 5.61
CA GLY C 1 16.15 -10.90 5.88
C GLY C 1 16.14 -11.71 7.17
N SER C 2 14.96 -12.18 7.59
CA SER C 2 14.84 -12.98 8.79
C SER C 2 13.74 -14.02 8.64
N SER C 3 13.84 -15.08 9.43
CA SER C 3 12.74 -16.02 9.61
C SER C 3 12.09 -15.79 10.97
N TYR C 4 10.90 -16.36 11.14
CA TYR C 4 10.20 -16.24 12.40
C TYR C 4 9.22 -17.40 12.54
N VAL C 5 8.88 -17.69 13.80
CA VAL C 5 7.82 -18.63 14.13
C VAL C 5 6.96 -18.03 15.24
N THR C 6 5.66 -18.33 15.20
CA THR C 6 4.73 -17.91 16.23
C THR C 6 3.61 -18.94 16.33
N GLY C 7 3.05 -19.07 17.53
CA GLY C 7 2.00 -20.05 17.76
C GLY C 7 1.36 -19.80 19.10
N ASN C 8 0.27 -20.53 19.37
CA ASN C 8 -0.38 -20.35 20.65
C ASN C 8 -1.21 -21.57 21.01
N ILE C 9 -1.75 -21.55 22.23
CA ILE C 9 -2.66 -22.56 22.76
C ILE C 9 -3.89 -21.86 23.29
N GLN C 10 -5.06 -22.34 22.91
CA GLN C 10 -6.31 -21.63 23.13
C GLN C 10 -7.27 -22.46 23.96
N PHE C 11 -7.77 -21.88 25.04
CA PHE C 11 -8.76 -22.51 25.91
C PHE C 11 -10.08 -21.76 25.76
N HIS C 12 -11.14 -22.47 25.37
CA HIS C 12 -12.44 -21.87 25.08
C HIS C 12 -13.48 -22.31 26.11
N ASP C 13 -14.20 -21.34 26.67
CA ASP C 13 -15.26 -21.69 27.62
C ASP C 13 -16.51 -22.21 26.92
N ASP C 14 -16.68 -21.88 25.65
CA ASP C 14 -17.82 -22.32 24.82
C ASP C 14 -17.21 -22.62 23.45
N GLY C 15 -16.66 -23.81 23.28
CA GLY C 15 -15.93 -24.07 22.06
C GLY C 15 -16.76 -24.27 20.80
N ARG C 16 -18.00 -23.79 20.77
CA ARG C 16 -18.90 -24.11 19.65
C ARG C 16 -18.40 -23.52 18.34
N ILE C 17 -17.96 -22.26 18.34
CA ILE C 17 -17.52 -21.63 17.09
C ILE C 17 -16.22 -22.25 16.59
N HIS C 18 -15.35 -22.70 17.51
CA HIS C 18 -14.17 -23.46 17.15
C HIS C 18 -14.43 -24.96 17.03
N GLY C 19 -15.62 -25.43 17.41
CA GLY C 19 -15.92 -26.86 17.41
C GLY C 19 -15.11 -27.71 18.37
N SER C 20 -14.46 -27.09 19.36
CA SER C 20 -13.58 -27.80 20.29
C SER C 20 -13.25 -26.89 21.46
N ASP C 21 -13.08 -27.48 22.64
CA ASP C 21 -12.79 -26.69 23.84
C ASP C 21 -11.37 -26.16 23.84
N MET C 22 -10.51 -26.66 22.98
CA MET C 22 -9.09 -26.30 23.01
C MET C 22 -8.57 -26.31 21.58
N THR C 23 -7.86 -25.24 21.17
CA THR C 23 -7.28 -25.15 19.84
C THR C 23 -5.88 -24.56 19.88
N SER C 24 -5.16 -24.74 18.77
CA SER C 24 -3.85 -24.14 18.53
C SER C 24 -3.81 -23.50 17.15
N THR C 25 -3.19 -22.32 17.06
CA THR C 25 -2.86 -21.67 15.80
C THR C 25 -1.34 -21.55 15.69
N LEU C 26 -0.79 -21.95 14.54
CA LEU C 26 0.64 -21.99 14.33
C LEU C 26 0.99 -21.32 13.00
N GLU C 27 2.18 -20.70 12.96
CA GLU C 27 2.55 -19.89 11.80
C GLU C 27 4.07 -19.72 11.71
N ALA C 28 4.60 -19.80 10.49
CA ALA C 28 6.00 -19.46 10.24
C ALA C 28 6.11 -18.67 8.94
N GLY C 29 7.15 -17.85 8.85
CA GLY C 29 7.38 -17.14 7.60
C GLY C 29 8.80 -16.66 7.47
N HIS C 30 9.07 -16.04 6.31
CA HIS C 30 10.34 -15.37 6.07
C HIS C 30 10.07 -13.95 5.58
N THR C 31 11.01 -13.05 5.87
CA THR C 31 10.97 -11.68 5.35
C THR C 31 12.20 -11.43 4.47
N PHE C 32 11.96 -11.05 3.22
CA PHE C 32 13.02 -10.57 2.34
C PHE C 32 13.12 -9.06 2.45
N ASP C 33 14.32 -8.56 2.71
CA ASP C 33 14.51 -7.13 2.94
C ASP C 33 14.89 -6.40 1.66
N ASN C 34 14.38 -5.17 1.54
CA ASN C 34 14.76 -4.28 0.46
C ASN C 34 14.90 -2.87 1.03
N GLN C 35 15.26 -1.95 0.15
CA GLN C 35 15.46 -0.57 0.57
C GLN C 35 14.20 0.07 1.12
N PHE C 36 13.03 -0.40 0.68
CA PHE C 36 11.77 0.30 0.94
C PHE C 36 10.93 -0.34 2.03
N GLY C 37 11.35 -1.48 2.55
CA GLY C 37 10.59 -2.27 3.49
C GLY C 37 10.95 -3.72 3.36
N GLY C 38 9.96 -4.59 3.32
CA GLY C 38 10.25 -6.00 3.14
C GLY C 38 9.07 -6.74 2.56
N PHE C 39 9.38 -7.84 1.89
CA PHE C 39 8.40 -8.79 1.42
C PHE C 39 8.41 -10.02 2.35
N THR C 40 7.24 -10.40 2.86
CA THR C 40 7.11 -11.55 3.76
C THR C 40 6.21 -12.62 3.13
N VAL C 41 6.70 -13.86 3.07
CA VAL C 41 5.89 -15.02 2.71
C VAL C 41 5.69 -15.86 3.97
N TYR C 42 4.52 -16.46 4.08
CA TYR C 42 4.20 -17.16 5.32
C TYR C 42 3.15 -18.24 5.08
N THR C 43 2.98 -19.09 6.08
CA THR C 43 1.94 -20.10 6.08
C THR C 43 1.41 -20.23 7.50
N GLU C 44 0.10 -20.47 7.64
CA GLU C 44 -0.53 -20.51 8.95
C GLU C 44 -1.44 -21.72 9.04
N PHE C 45 -1.29 -22.50 10.09
CA PHE C 45 -2.22 -23.57 10.42
C PHE C 45 -3.12 -23.06 11.53
N ASP C 46 -4.38 -22.84 11.23
CA ASP C 46 -5.31 -22.27 12.19
C ASP C 46 -6.43 -23.24 12.49
N GLY C 47 -6.94 -23.16 13.72
CA GLY C 47 -8.06 -23.97 14.12
C GLY C 47 -7.78 -25.42 14.42
N ILE C 48 -6.51 -25.76 14.71
CA ILE C 48 -6.18 -27.14 15.06
C ILE C 48 -6.94 -27.53 16.31
N GLN C 49 -7.79 -28.55 16.20
CA GLN C 49 -8.65 -28.92 17.31
C GLN C 49 -7.89 -29.76 18.32
N LEU C 50 -7.93 -29.35 19.59
CA LEU C 50 -7.17 -29.99 20.66
C LEU C 50 -8.03 -30.55 21.77
N GLY C 51 -9.13 -29.89 22.12
CA GLY C 51 -9.98 -30.29 23.23
C GLY C 51 -11.25 -30.98 22.77
N LYS C 52 -12.18 -31.08 23.72
CA LYS C 52 -13.42 -31.81 23.49
C LYS C 52 -14.21 -31.20 22.34
N LEU C 53 -14.52 -32.00 21.34
CA LEU C 53 -15.38 -31.55 20.25
C LEU C 53 -16.69 -30.99 20.81
N GLU C 54 -17.14 -29.88 20.23
CA GLU C 54 -18.43 -29.27 20.55
C GLU C 54 -19.28 -29.36 19.29
N THR C 55 -20.31 -30.20 19.33
CA THR C 55 -21.12 -30.46 18.16
C THR C 55 -22.58 -30.08 18.34
N GLU C 56 -22.97 -29.59 19.50
CA GLU C 56 -24.35 -29.28 19.83
C GLU C 56 -24.65 -27.80 19.62
N ASN C 57 -25.94 -27.49 19.50
CA ASN C 57 -26.45 -26.12 19.56
C ASN C 57 -25.70 -25.19 18.62
N GLY C 58 -25.53 -25.63 17.38
CA GLY C 58 -24.73 -24.86 16.45
C GLY C 58 -23.24 -24.91 16.70
N GLY C 59 -22.75 -25.98 17.32
CA GLY C 59 -21.32 -26.20 17.36
C GLY C 59 -20.77 -26.62 16.01
N ALA C 60 -19.46 -26.43 15.84
CA ALA C 60 -18.84 -26.71 14.55
C ALA C 60 -18.47 -28.18 14.37
N GLY C 61 -18.45 -28.96 15.46
CA GLY C 61 -18.06 -30.35 15.36
C GLY C 61 -16.59 -30.50 14.96
N ASN C 62 -16.30 -31.64 14.35
CA ASN C 62 -14.95 -31.98 13.92
C ASN C 62 -14.67 -31.29 12.60
N THR C 63 -13.87 -30.23 12.65
CA THR C 63 -13.52 -29.48 11.45
C THR C 63 -12.19 -29.99 10.89
N THR C 64 -11.75 -29.36 9.80
CA THR C 64 -10.40 -29.50 9.29
C THR C 64 -9.68 -28.17 9.32
N PRO C 65 -8.37 -28.15 9.64
CA PRO C 65 -7.68 -26.88 9.92
C PRO C 65 -7.75 -25.89 8.77
N ALA C 66 -7.64 -24.60 9.13
CA ALA C 66 -7.67 -23.50 8.17
C ALA C 66 -6.24 -23.19 7.74
N ILE C 67 -5.89 -23.48 6.49
CA ILE C 67 -4.51 -23.38 6.02
C ILE C 67 -4.41 -22.15 5.14
N THR C 68 -3.54 -21.24 5.53
CA THR C 68 -3.37 -19.94 4.92
C THR C 68 -1.98 -19.86 4.31
N VAL C 69 -1.88 -19.42 3.06
CA VAL C 69 -0.61 -19.11 2.45
C VAL C 69 -0.66 -17.65 2.02
N GLY C 70 0.41 -16.91 2.29
CA GLY C 70 0.32 -15.48 2.09
C GLY C 70 1.62 -14.80 1.76
N GLY C 71 1.56 -13.76 0.92
CA GLY C 71 2.66 -12.84 0.75
C GLY C 71 2.19 -11.42 0.98
N GLU C 72 3.09 -10.60 1.51
CA GLU C 72 2.79 -9.19 1.77
C GLU C 72 4.02 -8.33 1.45
N GLN C 73 3.77 -7.16 0.87
CA GLN C 73 4.82 -6.17 0.60
C GLN C 73 4.50 -4.95 1.47
N ALA C 74 5.40 -4.64 2.40
CA ALA C 74 5.23 -3.52 3.31
C ALA C 74 6.26 -2.44 3.02
N PHE C 75 5.86 -1.19 3.21
CA PHE C 75 6.73 -0.07 2.93
C PHE C 75 6.75 0.83 4.14
N ASN C 76 7.93 1.38 4.43
CA ASN C 76 8.08 2.43 5.44
C ASN C 76 8.00 3.78 4.73
N ILE C 77 6.82 4.40 4.77
CA ILE C 77 6.65 5.71 4.13
C ILE C 77 7.50 6.76 4.84
N THR C 78 7.34 6.87 6.15
CA THR C 78 8.21 7.66 7.04
C THR C 78 8.84 6.71 8.05
N ASP C 79 9.67 7.28 8.92
CA ASP C 79 10.16 6.51 10.06
C ASP C 79 9.02 6.07 10.97
N HIS C 80 7.84 6.70 10.87
CA HIS C 80 6.70 6.39 11.73
C HIS C 80 5.52 5.76 11.02
N LEU C 81 5.37 5.98 9.71
CA LEU C 81 4.20 5.56 8.95
C LEU C 81 4.58 4.45 8.01
N TRP C 82 3.84 3.36 8.03
CA TRP C 82 4.07 2.25 7.10
C TRP C 82 2.74 1.82 6.51
N VAL C 83 2.78 1.23 5.31
CA VAL C 83 1.64 0.54 4.73
C VAL C 83 2.11 -0.80 4.20
N ALA C 84 1.15 -1.67 3.91
CA ALA C 84 1.45 -2.93 3.25
C ALA C 84 0.26 -3.40 2.44
N ALA C 85 0.54 -4.16 1.39
CA ALA C 85 -0.51 -4.85 0.66
C ALA C 85 -0.04 -6.25 0.34
N GLY C 86 -1.00 -7.16 0.23
CA GLY C 86 -0.63 -8.53 -0.01
C GLY C 86 -1.86 -9.37 -0.26
N TYR C 87 -1.61 -10.67 -0.45
CA TYR C 87 -2.66 -11.63 -0.78
C TYR C 87 -2.53 -12.85 0.13
N GLN C 88 -3.65 -13.31 0.64
CA GLN C 88 -3.73 -14.57 1.37
C GLN C 88 -4.67 -15.52 0.65
N HIS C 89 -4.30 -16.79 0.63
CA HIS C 89 -5.19 -17.82 0.14
C HIS C 89 -5.53 -18.75 1.30
N LEU C 90 -6.81 -19.01 1.48
CA LEU C 90 -7.29 -19.90 2.52
C LEU C 90 -7.59 -21.27 1.92
N PHE C 91 -7.08 -22.32 2.58
CA PHE C 91 -7.27 -23.71 2.18
C PHE C 91 -7.79 -24.54 3.35
N SER C 92 -8.64 -25.51 3.05
CA SER C 92 -8.97 -26.54 4.03
C SER C 92 -9.25 -27.85 3.30
N ALA C 93 -8.68 -28.94 3.83
CA ALA C 93 -8.91 -30.29 3.30
C ALA C 93 -8.60 -30.35 1.81
N GLY C 94 -7.51 -29.70 1.41
CA GLY C 94 -7.04 -29.76 0.04
C GLY C 94 -7.85 -28.97 -0.96
N GLU C 95 -8.73 -28.07 -0.52
CA GLU C 95 -9.61 -27.31 -1.40
C GLU C 95 -9.49 -25.81 -1.12
N SER C 96 -9.71 -25.02 -2.16
CA SER C 96 -9.71 -23.56 -2.02
C SER C 96 -11.00 -23.11 -1.35
N ILE C 97 -10.88 -22.34 -0.27
CA ILE C 97 -12.02 -21.83 0.49
C ILE C 97 -12.25 -20.35 0.19
N GLN C 98 -11.19 -19.54 0.21
CA GLN C 98 -11.36 -18.11 0.09
C GLN C 98 -10.12 -17.44 -0.49
N TYR C 99 -10.36 -16.51 -1.41
CA TYR C 99 -9.35 -15.54 -1.79
C TYR C 99 -9.37 -14.41 -0.77
N ARG C 100 -8.19 -13.98 -0.32
CA ARG C 100 -8.07 -12.98 0.75
C ARG C 100 -6.98 -11.98 0.46
N PRO C 101 -7.20 -11.07 -0.49
CA PRO C 101 -6.30 -9.92 -0.63
C PRO C 101 -6.47 -9.00 0.57
N LEU C 102 -5.44 -8.20 0.84
CA LEU C 102 -5.48 -7.46 2.09
C LEU C 102 -4.54 -6.27 2.00
N VAL C 103 -4.86 -5.24 2.79
CA VAL C 103 -4.05 -4.03 2.89
C VAL C 103 -3.88 -3.71 4.35
N LYS C 104 -2.79 -3.03 4.67
CA LYS C 104 -2.45 -2.65 6.02
C LYS C 104 -1.99 -1.20 6.07
N ILE C 105 -2.32 -0.49 7.14
CA ILE C 105 -1.75 0.83 7.38
C ILE C 105 -1.49 1.01 8.87
N GLY C 106 -0.39 1.69 9.20
CA GLY C 106 -0.05 1.89 10.60
C GLY C 106 0.87 3.06 10.82
N TYR C 107 0.85 3.53 12.08
CA TYR C 107 1.67 4.67 12.51
C TYR C 107 2.25 4.37 13.87
N ASN C 108 3.57 4.53 14.01
CA ASN C 108 4.28 4.23 15.24
C ASN C 108 4.79 5.52 15.87
N PHE C 109 4.23 5.87 17.03
CA PHE C 109 4.62 7.09 17.72
C PHE C 109 5.82 6.87 18.64
N ASP C 110 6.58 7.95 18.87
CA ASP C 110 7.75 7.91 19.75
C ASP C 110 7.40 7.66 21.21
N ASN C 111 6.18 7.98 21.64
CA ASN C 111 5.76 7.76 23.01
C ASN C 111 5.52 6.29 23.34
N GLY C 112 5.53 5.40 22.34
CA GLY C 112 5.31 3.98 22.54
C GLY C 112 4.02 3.47 21.97
N ILE C 113 3.04 4.35 21.74
CA ILE C 113 1.80 3.95 21.10
C ILE C 113 2.05 3.55 19.65
N SER C 114 1.27 2.60 19.16
CA SER C 114 1.26 2.25 17.75
C SER C 114 -0.17 1.91 17.33
N LEU C 115 -0.61 2.47 16.20
CA LEU C 115 -1.88 2.10 15.59
C LEU C 115 -1.64 1.33 14.31
N SER C 116 -2.58 0.44 14.01
CA SER C 116 -2.54 -0.26 12.75
C SER C 116 -3.94 -0.71 12.41
N ASN C 117 -4.19 -0.84 11.11
CA ASN C 117 -5.40 -1.45 10.59
C ASN C 117 -4.97 -2.52 9.61
N ARG C 118 -5.76 -3.59 9.54
CA ARG C 118 -5.69 -4.50 8.43
C ARG C 118 -7.11 -4.74 7.96
N THR C 119 -7.32 -4.68 6.67
CA THR C 119 -8.59 -5.02 6.09
C THR C 119 -8.33 -6.13 5.10
N ARG C 120 -9.16 -7.16 5.15
CA ARG C 120 -8.95 -8.36 4.37
C ARG C 120 -10.28 -8.77 3.76
N ALA C 121 -10.29 -8.97 2.45
CA ALA C 121 -11.50 -9.42 1.80
C ALA C 121 -11.63 -10.94 1.98
N HIS C 122 -12.86 -11.39 2.20
CA HIS C 122 -13.15 -12.81 2.34
C HIS C 122 -14.03 -13.18 1.14
N ILE C 123 -13.38 -13.54 0.04
CA ILE C 123 -14.05 -13.87 -1.20
C ILE C 123 -14.18 -15.38 -1.29
N ASP C 124 -15.42 -15.86 -1.27
CA ASP C 124 -15.69 -17.29 -1.37
C ASP C 124 -15.13 -17.85 -2.68
N ALA C 125 -14.23 -18.83 -2.56
CA ALA C 125 -13.64 -19.46 -3.72
C ALA C 125 -14.48 -20.59 -4.29
N THR C 126 -15.52 -21.02 -3.56
CA THR C 126 -16.37 -22.11 -3.98
C THR C 126 -17.52 -21.59 -4.85
N ASP C 127 -18.25 -22.52 -5.46
CA ASP C 127 -19.40 -22.16 -6.29
C ASP C 127 -20.62 -21.77 -5.46
N ALA C 128 -20.50 -21.69 -4.13
CA ALA C 128 -21.63 -21.32 -3.29
C ALA C 128 -22.06 -19.88 -3.49
N ASP C 129 -21.23 -19.06 -4.15
CA ASP C 129 -21.57 -17.67 -4.48
C ASP C 129 -21.91 -16.86 -3.22
N ALA C 130 -21.21 -17.15 -2.12
CA ALA C 130 -21.42 -16.41 -0.88
C ALA C 130 -20.99 -14.96 -1.04
N LYS C 131 -21.69 -14.08 -0.33
CA LYS C 131 -21.32 -12.67 -0.31
C LYS C 131 -19.92 -12.50 0.26
N THR C 132 -19.09 -11.76 -0.47
CA THR C 132 -17.79 -11.41 0.05
C THR C 132 -17.95 -10.71 1.40
N ASP C 133 -16.99 -10.92 2.29
CA ASP C 133 -16.96 -10.15 3.52
C ASP C 133 -15.58 -9.50 3.68
N TYR C 134 -15.50 -8.62 4.66
CA TYR C 134 -14.30 -7.84 4.90
C TYR C 134 -14.02 -7.86 6.39
N ARG C 135 -12.80 -8.20 6.77
CA ARG C 135 -12.43 -8.28 8.18
C ARG C 135 -11.47 -7.15 8.50
N MET C 136 -11.82 -6.37 9.51
CA MET C 136 -10.99 -5.26 9.97
C MET C 136 -10.36 -5.61 11.30
N ASP C 137 -9.05 -5.45 11.39
CA ASP C 137 -8.28 -5.63 12.61
C ASP C 137 -7.72 -4.24 12.95
N ASN C 138 -8.41 -3.54 13.83
CA ASN C 138 -7.97 -2.25 14.33
C ASN C 138 -7.30 -2.46 15.67
N ARG C 139 -6.00 -2.17 15.73
CA ARG C 139 -5.17 -2.59 16.84
C ARG C 139 -4.39 -1.39 17.35
N ILE C 140 -4.57 -1.09 18.64
CA ILE C 140 -3.80 -0.07 19.35
C ILE C 140 -2.88 -0.78 20.34
N GLY C 141 -1.64 -0.35 20.39
CA GLY C 141 -0.66 -0.95 21.28
C GLY C 141 0.06 0.10 22.09
N TYR C 142 0.51 -0.32 23.27
CA TYR C 142 1.37 0.52 24.10
C TYR C 142 2.60 -0.27 24.49
N ALA C 143 3.77 0.14 23.99
CA ALA C 143 5.05 -0.43 24.41
C ALA C 143 5.52 0.41 25.59
N MET C 144 5.10 -0.01 26.79
CA MET C 144 5.39 0.74 28.01
C MET C 144 6.89 0.91 28.22
N ASN C 145 7.67 -0.08 27.80
CA ASN C 145 9.12 -0.10 27.94
C ASN C 145 9.65 -1.19 27.03
N GLU C 146 10.95 -1.41 27.08
CA GLU C 146 11.58 -2.40 26.21
C GLU C 146 11.35 -3.83 26.68
N ASP C 147 10.54 -4.07 27.71
CA ASP C 147 10.28 -5.41 28.20
C ASP C 147 8.83 -5.84 28.06
N VAL C 148 7.85 -4.92 28.13
CA VAL C 148 6.45 -5.30 28.02
C VAL C 148 5.74 -4.33 27.09
N THR C 149 4.80 -4.87 26.31
CA THR C 149 3.91 -4.07 25.49
C THR C 149 2.51 -4.66 25.61
N PHE C 150 1.52 -3.78 25.68
CA PHE C 150 0.12 -4.16 25.70
C PHE C 150 -0.48 -3.86 24.34
N SER C 151 -1.66 -4.41 24.10
CA SER C 151 -2.33 -4.16 22.84
C SER C 151 -3.78 -4.60 22.95
N TYR C 152 -4.66 -3.74 22.44
CA TYR C 152 -6.06 -4.09 22.22
C TYR C 152 -6.26 -4.18 20.71
N ASN C 153 -6.94 -5.24 20.26
CA ASN C 153 -7.20 -5.42 18.83
C ASN C 153 -8.66 -5.75 18.63
N ASN C 154 -9.34 -4.89 17.89
CA ASN C 154 -10.75 -5.07 17.58
C ASN C 154 -10.87 -5.77 16.23
N VAL C 155 -11.59 -6.89 16.21
CA VAL C 155 -11.82 -7.68 15.00
C VAL C 155 -13.26 -7.46 14.57
N TYR C 156 -13.46 -7.05 13.32
CA TYR C 156 -14.81 -6.70 12.88
C TYR C 156 -15.08 -7.23 11.48
N MET C 157 -16.17 -8.00 11.34
CA MET C 157 -16.63 -8.47 10.03
C MET C 157 -17.68 -7.48 9.54
N ILE C 158 -17.37 -6.75 8.46
CA ILE C 158 -18.20 -5.62 8.07
C ILE C 158 -19.61 -6.07 7.67
N GLU C 159 -19.72 -7.12 6.86
CA GLU C 159 -21.03 -7.53 6.38
C GLU C 159 -21.81 -8.29 7.45
N ALA C 160 -21.22 -9.37 8.00
CA ALA C 160 -21.91 -10.17 9.00
C ALA C 160 -22.17 -9.41 10.29
N GLU C 161 -21.45 -8.31 10.53
CA GLU C 161 -21.57 -7.52 11.75
C GLU C 161 -21.30 -8.39 12.99
N THR C 162 -20.09 -8.94 13.05
CA THR C 162 -19.63 -9.63 14.23
C THR C 162 -18.32 -9.03 14.70
N MET C 163 -18.00 -9.25 15.97
CA MET C 163 -16.97 -8.47 16.63
C MET C 163 -16.24 -9.30 17.68
N ASP C 164 -14.91 -9.28 17.63
CA ASP C 164 -14.04 -9.81 18.66
C ASP C 164 -13.35 -8.66 19.37
N HIS C 165 -12.96 -8.90 20.61
CA HIS C 165 -12.14 -7.97 21.38
C HIS C 165 -10.93 -8.75 21.88
N GLU C 166 -9.73 -8.25 21.61
CA GLU C 166 -8.52 -8.97 21.96
C GLU C 166 -7.65 -8.09 22.84
N LEU C 167 -7.44 -8.51 24.08
CA LEU C 167 -6.50 -7.88 24.97
C LEU C 167 -5.32 -8.82 25.14
N ARG C 168 -4.13 -8.33 24.84
CA ARG C 168 -2.94 -9.15 24.78
C ARG C 168 -1.85 -8.46 25.58
N ALA C 169 -1.02 -9.26 26.23
CA ALA C 169 0.15 -8.75 26.93
C ALA C 169 1.36 -9.51 26.43
N THR C 170 2.40 -8.78 26.06
CA THR C 170 3.56 -9.39 25.42
C THR C 170 4.82 -9.01 26.18
N TRP C 171 5.56 -10.02 26.58
CA TRP C 171 6.86 -9.82 27.23
C TRP C 171 7.90 -9.79 26.12
N THR C 172 8.38 -8.59 25.78
CA THR C 172 9.30 -8.39 24.67
C THR C 172 10.75 -8.56 25.13
N ARG C 173 11.02 -9.73 25.69
CA ARG C 173 12.34 -10.05 26.21
C ARG C 173 13.24 -10.58 25.10
N GLN C 174 14.53 -10.62 25.38
CA GLN C 174 15.50 -11.10 24.39
C GLN C 174 15.29 -12.60 24.15
N GLY C 175 15.25 -13.00 22.88
CA GLY C 175 14.98 -14.38 22.54
C GLY C 175 13.51 -14.66 22.30
N VAL C 176 13.02 -15.82 22.74
CA VAL C 176 11.61 -16.15 22.59
C VAL C 176 10.77 -15.19 23.41
N GLN C 177 9.78 -14.56 22.76
CA GLN C 177 8.91 -13.60 23.42
C GLN C 177 7.56 -14.24 23.68
N PRO C 178 7.15 -14.42 24.94
CA PRO C 178 5.87 -15.05 25.24
C PRO C 178 4.75 -14.02 25.29
N TYR C 179 3.51 -14.52 25.27
CA TYR C 179 2.39 -13.62 25.40
C TYR C 179 1.16 -14.37 25.92
N PHE C 180 0.31 -13.62 26.62
CA PHE C 180 -1.05 -14.04 26.92
C PHE C 180 -2.02 -13.09 26.24
N GLU C 181 -3.06 -13.66 25.63
CA GLU C 181 -4.10 -12.88 25.00
C GLU C 181 -5.45 -13.35 25.51
N PHE C 182 -6.32 -12.39 25.77
CA PHE C 182 -7.69 -12.68 26.11
C PHE C 182 -8.56 -12.27 24.93
N ARG C 183 -9.25 -13.22 24.33
CA ARG C 183 -10.13 -12.98 23.19
C ARG C 183 -11.57 -13.24 23.60
N SER C 184 -12.39 -12.18 23.55
CA SER C 184 -13.84 -12.29 23.67
C SER C 184 -14.42 -12.26 22.26
N GLN C 185 -14.87 -13.41 21.76
CA GLN C 185 -15.17 -13.57 20.35
C GLN C 185 -16.66 -13.76 20.07
N ALA C 186 -17.07 -13.34 18.87
CA ALA C 186 -18.36 -13.66 18.26
C ALA C 186 -19.55 -12.90 18.83
N HIS C 187 -19.34 -11.67 19.32
CA HIS C 187 -20.48 -10.84 19.65
C HIS C 187 -21.26 -10.55 18.37
N GLY C 188 -22.48 -11.05 18.29
CA GLY C 188 -23.32 -10.90 17.11
C GLY C 188 -23.72 -12.21 16.46
N ALA C 189 -23.11 -13.32 16.83
CA ALA C 189 -23.34 -14.62 16.19
C ALA C 189 -24.40 -15.43 16.93
N GLU C 190 -25.29 -16.06 16.15
CA GLU C 190 -26.38 -16.85 16.70
C GLU C 190 -26.47 -18.21 16.01
N ASN C 191 -26.90 -19.21 16.77
CA ASN C 191 -27.13 -20.55 16.23
C ASN C 191 -28.45 -20.58 15.49
N ALA C 192 -28.90 -21.79 15.10
CA ALA C 192 -30.20 -21.91 14.46
C ALA C 192 -31.32 -21.44 15.38
N ALA C 193 -31.16 -21.63 16.69
CA ALA C 193 -32.14 -21.25 17.69
C ALA C 193 -31.99 -19.82 18.15
N GLY C 194 -31.27 -18.97 17.40
CA GLY C 194 -31.11 -17.59 17.76
C GLY C 194 -30.31 -17.31 19.02
N ASP C 195 -29.82 -18.35 19.70
CA ASP C 195 -29.03 -18.13 20.90
C ASP C 195 -27.66 -17.54 20.55
N SER C 196 -27.11 -16.79 21.50
CA SER C 196 -25.78 -16.20 21.32
C SER C 196 -24.72 -17.29 21.28
N LEU C 197 -23.79 -17.17 20.32
CA LEU C 197 -22.70 -18.10 20.15
C LEU C 197 -21.40 -17.59 20.76
N VAL C 198 -21.47 -16.54 21.59
CA VAL C 198 -20.29 -15.85 22.08
C VAL C 198 -19.38 -16.78 22.89
N ASN C 199 -18.06 -16.64 22.68
CA ASN C 199 -17.04 -17.48 23.29
C ASN C 199 -15.91 -16.61 23.82
N ASN C 200 -15.27 -17.06 24.90
CA ASN C 200 -14.07 -16.46 25.46
C ASN C 200 -12.89 -17.41 25.26
N ALA C 201 -11.70 -16.85 25.08
CA ALA C 201 -10.52 -17.64 24.82
C ALA C 201 -9.36 -17.17 25.68
N PHE C 202 -8.69 -18.11 26.33
CA PHE C 202 -7.46 -17.83 27.06
C PHE C 202 -6.29 -18.37 26.23
N VAL C 203 -5.46 -17.45 25.75
CA VAL C 203 -4.48 -17.75 24.73
C VAL C 203 -3.10 -17.53 25.31
N PHE C 204 -2.31 -18.59 25.37
CA PHE C 204 -0.90 -18.54 25.73
C PHE C 204 -0.10 -18.95 24.52
N GLY C 205 0.71 -18.02 23.99
CA GLY C 205 1.54 -18.30 22.84
C GLY C 205 2.89 -17.63 22.95
N ALA C 206 3.77 -17.95 22.01
CA ALA C 206 5.11 -17.38 21.94
C ALA C 206 5.47 -17.02 20.50
N SER C 207 6.51 -16.20 20.35
CA SER C 207 7.04 -15.79 19.06
C SER C 207 8.57 -15.82 19.13
N TYR C 208 9.21 -16.06 17.98
CA TYR C 208 10.67 -16.04 17.91
C TYR C 208 11.10 -15.71 16.49
N GLY C 209 12.06 -14.80 16.36
CA GLY C 209 12.61 -14.43 15.07
C GLY C 209 14.12 -14.54 15.05
N PHE C 210 14.65 -14.89 13.88
CA PHE C 210 16.10 -15.02 13.70
C PHE C 210 16.48 -14.86 12.22
N GLY D 1 20.91 -24.97 28.75
CA GLY D 1 19.65 -25.29 28.11
C GLY D 1 19.68 -25.08 26.60
N SER D 2 18.93 -25.91 25.86
CA SER D 2 18.90 -25.82 24.40
C SER D 2 17.50 -26.17 23.90
N SER D 3 17.06 -25.48 22.85
CA SER D 3 15.71 -25.64 22.34
C SER D 3 15.77 -26.15 20.89
N TYR D 4 14.63 -26.62 20.41
CA TYR D 4 14.54 -27.18 19.06
C TYR D 4 13.08 -27.19 18.60
N VAL D 5 12.90 -27.09 17.28
CA VAL D 5 11.62 -27.31 16.62
C VAL D 5 11.85 -28.09 15.33
N THR D 6 10.87 -28.90 14.97
CA THR D 6 10.93 -29.69 13.75
C THR D 6 9.52 -29.97 13.27
N GLY D 7 9.35 -29.97 11.95
CA GLY D 7 8.04 -30.17 11.35
C GLY D 7 8.20 -30.61 9.92
N ASN D 8 7.09 -31.06 9.33
CA ASN D 8 7.17 -31.52 7.95
C ASN D 8 5.82 -31.43 7.25
N ILE D 9 5.88 -31.52 5.93
CA ILE D 9 4.73 -31.70 5.06
C ILE D 9 4.83 -33.11 4.48
N GLN D 10 3.69 -33.79 4.35
CA GLN D 10 3.65 -35.18 3.89
C GLN D 10 2.64 -35.32 2.76
N PHE D 11 3.11 -35.81 1.60
CA PHE D 11 2.23 -36.09 0.47
C PHE D 11 2.00 -37.60 0.37
N HIS D 12 0.73 -38.00 0.29
CA HIS D 12 0.34 -39.41 0.42
C HIS D 12 -0.33 -39.93 -0.84
N ASP D 13 0.22 -41.01 -1.40
CA ASP D 13 -0.33 -41.60 -2.62
C ASP D 13 -1.64 -42.36 -2.36
N ASP D 14 -1.97 -42.66 -1.10
CA ASP D 14 -3.22 -43.33 -0.77
C ASP D 14 -3.48 -43.02 0.70
N GLY D 15 -4.38 -42.07 0.96
CA GLY D 15 -4.40 -41.49 2.29
C GLY D 15 -5.34 -42.11 3.31
N ARG D 16 -5.76 -43.36 3.07
CA ARG D 16 -6.78 -43.96 3.93
C ARG D 16 -6.34 -44.02 5.38
N ILE D 17 -5.08 -44.36 5.63
CA ILE D 17 -4.66 -44.55 7.02
C ILE D 17 -4.52 -43.19 7.71
N HIS D 18 -4.22 -42.16 6.95
CA HIS D 18 -4.24 -40.81 7.49
C HIS D 18 -5.58 -40.12 7.32
N GLY D 19 -6.46 -40.68 6.48
CA GLY D 19 -7.75 -40.08 6.25
C GLY D 19 -7.69 -38.78 5.50
N SER D 20 -6.61 -38.57 4.72
CA SER D 20 -6.34 -37.29 4.07
C SER D 20 -5.13 -37.45 3.16
N ASP D 21 -5.20 -36.81 1.98
CA ASP D 21 -4.17 -36.88 0.95
C ASP D 21 -2.90 -36.14 1.30
N MET D 22 -2.85 -35.48 2.46
CA MET D 22 -1.75 -34.58 2.81
C MET D 22 -1.83 -34.29 4.30
N THR D 23 -0.73 -34.40 5.02
CA THR D 23 -0.73 -34.16 6.46
C THR D 23 0.59 -33.50 6.86
N SER D 24 0.74 -33.30 8.16
CA SER D 24 1.85 -32.54 8.73
C SER D 24 2.05 -32.95 10.18
N THR D 25 3.31 -33.11 10.56
CA THR D 25 3.70 -33.38 11.94
C THR D 25 4.61 -32.26 12.41
N LEU D 26 4.31 -31.68 13.55
CA LEU D 26 5.10 -30.60 14.15
C LEU D 26 5.48 -30.97 15.57
N GLU D 27 6.64 -30.48 16.01
CA GLU D 27 7.18 -30.93 17.29
C GLU D 27 8.11 -29.86 17.87
N ALA D 28 7.93 -29.57 19.15
CA ALA D 28 8.69 -28.54 19.83
C ALA D 28 9.03 -28.96 21.26
N GLY D 29 10.26 -28.68 21.68
CA GLY D 29 10.70 -29.06 23.01
C GLY D 29 11.98 -28.38 23.42
N HIS D 30 12.49 -28.82 24.58
CA HIS D 30 13.69 -28.27 25.20
C HIS D 30 14.46 -29.41 25.84
N THR D 31 15.74 -29.19 26.10
CA THR D 31 16.58 -30.15 26.81
C THR D 31 17.30 -29.42 27.94
N PHE D 32 16.92 -29.75 29.18
CA PHE D 32 17.61 -29.20 30.34
C PHE D 32 18.95 -29.89 30.51
N ASP D 33 20.02 -29.10 30.54
CA ASP D 33 21.34 -29.65 30.80
C ASP D 33 21.43 -30.05 32.26
N ASN D 34 21.72 -31.32 32.52
CA ASN D 34 21.84 -31.80 33.88
C ASN D 34 23.10 -32.66 33.96
N GLN D 35 23.20 -33.44 35.02
CA GLN D 35 24.42 -34.16 35.35
C GLN D 35 24.55 -35.47 34.56
N PHE D 36 23.45 -36.22 34.44
CA PHE D 36 23.44 -37.51 33.75
C PHE D 36 23.56 -37.36 32.24
N GLY D 37 23.24 -36.19 31.70
CA GLY D 37 23.20 -35.98 30.25
C GLY D 37 22.15 -34.96 29.84
N GLY D 38 21.00 -35.44 29.38
CA GLY D 38 19.93 -34.55 28.93
C GLY D 38 18.52 -35.00 29.27
N PHE D 39 17.75 -34.10 29.87
CA PHE D 39 16.34 -34.34 30.16
C PHE D 39 15.50 -33.56 29.17
N THR D 40 14.66 -34.27 28.39
CA THR D 40 13.95 -33.69 27.26
C THR D 40 12.45 -33.82 27.42
N VAL D 41 11.76 -32.67 27.49
CA VAL D 41 10.30 -32.60 27.44
C VAL D 41 9.92 -31.95 26.10
N TYR D 42 8.74 -32.32 25.60
CA TYR D 42 8.36 -31.89 24.26
C TYR D 42 6.85 -31.99 24.08
N THR D 43 6.35 -31.37 23.01
CA THR D 43 4.98 -31.49 22.56
C THR D 43 4.95 -31.73 21.06
N GLU D 44 4.10 -32.64 20.62
CA GLU D 44 4.01 -32.99 19.20
C GLU D 44 2.57 -32.97 18.75
N PHE D 45 2.33 -32.34 17.60
CA PHE D 45 1.04 -32.40 16.92
C PHE D 45 1.24 -33.30 15.71
N ASP D 46 0.59 -34.45 15.73
CA ASP D 46 0.76 -35.48 14.72
C ASP D 46 -0.56 -35.69 14.00
N GLY D 47 -0.50 -35.90 12.69
CA GLY D 47 -1.69 -36.16 11.90
C GLY D 47 -2.55 -34.94 11.58
N ILE D 48 -1.94 -33.77 11.44
CA ILE D 48 -2.70 -32.57 11.04
C ILE D 48 -3.10 -32.74 9.58
N GLN D 49 -4.40 -32.61 9.31
CA GLN D 49 -4.92 -32.92 7.99
C GLN D 49 -4.90 -31.67 7.10
N LEU D 50 -4.37 -31.81 5.88
CA LEU D 50 -4.23 -30.68 4.97
C LEU D 50 -4.81 -30.96 3.59
N GLY D 51 -4.80 -32.22 3.17
CA GLY D 51 -5.22 -32.59 1.84
C GLY D 51 -6.66 -33.06 1.78
N LYS D 52 -7.07 -33.46 0.57
CA LYS D 52 -8.41 -33.98 0.35
C LYS D 52 -8.69 -35.15 1.29
N LEU D 53 -9.85 -35.12 1.94
CA LEU D 53 -10.17 -36.14 2.94
C LEU D 53 -10.41 -37.50 2.30
N GLU D 54 -10.11 -38.56 3.06
CA GLU D 54 -10.25 -39.96 2.65
C GLU D 54 -11.20 -40.66 3.62
N THR D 55 -12.41 -40.98 3.16
CA THR D 55 -13.40 -41.64 3.98
C THR D 55 -13.81 -43.03 3.49
N GLU D 56 -13.58 -43.33 2.21
CA GLU D 56 -13.97 -44.60 1.64
C GLU D 56 -12.95 -45.71 1.97
N ASN D 57 -13.42 -46.94 1.87
CA ASN D 57 -12.57 -48.15 1.83
C ASN D 57 -11.63 -48.21 3.03
N GLY D 58 -12.20 -47.99 4.21
CA GLY D 58 -11.43 -48.00 5.44
C GLY D 58 -10.71 -46.71 5.77
N GLY D 59 -10.85 -45.68 4.93
CA GLY D 59 -10.20 -44.41 5.22
C GLY D 59 -10.69 -43.83 6.53
N ALA D 60 -9.76 -43.22 7.28
CA ALA D 60 -10.08 -42.76 8.63
C ALA D 60 -11.03 -41.57 8.63
N GLY D 61 -11.18 -40.87 7.50
CA GLY D 61 -12.04 -39.70 7.45
C GLY D 61 -11.46 -38.50 8.20
N ASN D 62 -12.32 -37.52 8.45
CA ASN D 62 -11.93 -36.38 9.28
C ASN D 62 -11.53 -36.90 10.65
N THR D 63 -10.23 -36.94 10.91
CA THR D 63 -9.67 -37.31 12.20
C THR D 63 -9.49 -36.08 13.07
N THR D 64 -9.28 -36.31 14.37
CA THR D 64 -8.77 -35.22 15.17
C THR D 64 -7.30 -35.45 15.50
N PRO D 65 -6.48 -34.41 15.53
CA PRO D 65 -5.02 -34.59 15.61
C PRO D 65 -4.57 -35.38 16.84
N ALA D 66 -3.35 -35.93 16.74
CA ALA D 66 -2.77 -36.81 17.75
C ALA D 66 -1.76 -36.03 18.59
N ILE D 67 -2.19 -35.55 19.75
CA ILE D 67 -1.37 -34.72 20.63
C ILE D 67 -0.48 -35.58 21.52
N THR D 68 0.81 -35.36 21.45
CA THR D 68 1.78 -36.12 22.24
C THR D 68 2.54 -35.15 23.16
N VAL D 69 2.53 -35.44 24.46
CA VAL D 69 3.35 -34.72 25.42
C VAL D 69 4.18 -35.74 26.18
N GLY D 70 5.49 -35.55 26.22
CA GLY D 70 6.36 -36.56 26.78
C GLY D 70 7.65 -36.01 27.35
N GLY D 71 8.21 -36.76 28.29
CA GLY D 71 9.48 -36.42 28.88
C GLY D 71 10.44 -37.59 28.80
N GLU D 72 11.73 -37.27 28.80
CA GLU D 72 12.78 -38.27 28.61
C GLU D 72 14.10 -37.83 29.23
N GLN D 73 14.75 -38.76 29.92
CA GLN D 73 16.08 -38.57 30.50
C GLN D 73 17.03 -39.49 29.74
N ALA D 74 18.18 -38.96 29.33
CA ALA D 74 19.08 -39.65 28.41
C ALA D 74 20.45 -39.84 29.08
N PHE D 75 20.86 -41.10 29.23
CA PHE D 75 22.07 -41.47 29.95
C PHE D 75 23.20 -41.76 28.97
N ASN D 76 24.37 -41.20 29.24
CA ASN D 76 25.59 -41.48 28.47
C ASN D 76 26.37 -42.57 29.20
N ILE D 77 26.23 -43.82 28.74
CA ILE D 77 26.96 -44.91 29.39
C ILE D 77 28.46 -44.79 29.13
N THR D 78 28.86 -44.89 27.85
CA THR D 78 30.23 -44.61 27.45
C THR D 78 30.26 -43.29 26.70
N ASP D 79 31.42 -42.99 26.09
CA ASP D 79 31.50 -41.84 25.20
C ASP D 79 30.65 -42.05 23.95
N HIS D 80 30.36 -43.30 23.61
CA HIS D 80 29.64 -43.62 22.38
C HIS D 80 28.32 -44.35 22.60
N LEU D 81 28.17 -45.15 23.66
CA LEU D 81 26.94 -45.90 23.91
C LEU D 81 26.03 -45.13 24.88
N TRP D 82 24.75 -45.02 24.52
CA TRP D 82 23.79 -44.26 25.31
C TRP D 82 22.50 -45.06 25.49
N VAL D 83 21.75 -44.69 26.54
CA VAL D 83 20.40 -45.19 26.79
C VAL D 83 19.52 -44.01 27.20
N ALA D 84 18.21 -44.25 27.21
CA ALA D 84 17.27 -43.24 27.66
C ALA D 84 15.93 -43.90 27.97
N ALA D 85 15.21 -43.29 28.90
CA ALA D 85 13.89 -43.76 29.30
C ALA D 85 12.97 -42.56 29.48
N GLY D 86 11.68 -42.77 29.22
CA GLY D 86 10.74 -41.68 29.35
C GLY D 86 9.32 -42.15 29.09
N TYR D 87 8.41 -41.18 29.19
CA TYR D 87 6.98 -41.45 29.12
C TYR D 87 6.31 -40.44 28.21
N GLN D 88 5.49 -40.93 27.29
CA GLN D 88 4.65 -40.10 26.45
C GLN D 88 3.19 -40.30 26.84
N HIS D 89 2.40 -39.23 26.76
CA HIS D 89 0.95 -39.31 26.90
C HIS D 89 0.35 -38.85 25.58
N LEU D 90 -0.61 -39.61 25.07
CA LEU D 90 -1.29 -39.27 23.83
C LEU D 90 -2.70 -38.77 24.13
N PHE D 91 -2.96 -37.52 23.77
CA PHE D 91 -4.28 -36.94 23.82
C PHE D 91 -4.85 -36.79 22.41
N SER D 92 -6.18 -36.67 22.33
CA SER D 92 -6.84 -36.37 21.06
C SER D 92 -8.27 -35.93 21.36
N ALA D 93 -8.63 -34.74 20.88
CA ALA D 93 -9.95 -34.18 21.09
C ALA D 93 -10.32 -34.13 22.57
N GLY D 94 -9.34 -33.85 23.42
CA GLY D 94 -9.59 -33.68 24.84
C GLY D 94 -9.72 -34.95 25.65
N GLU D 95 -9.24 -36.09 25.14
CA GLU D 95 -9.38 -37.37 25.81
C GLU D 95 -8.01 -38.02 25.96
N SER D 96 -7.84 -38.80 27.03
CA SER D 96 -6.67 -39.67 27.14
C SER D 96 -6.87 -40.87 26.22
N ILE D 97 -6.00 -41.01 25.22
CA ILE D 97 -6.10 -42.09 24.26
C ILE D 97 -5.18 -43.25 24.62
N GLN D 98 -3.94 -42.95 25.00
CA GLN D 98 -2.98 -44.00 25.31
C GLN D 98 -1.95 -43.51 26.32
N TYR D 99 -1.41 -44.47 27.09
CA TYR D 99 -0.23 -44.29 27.92
C TYR D 99 0.96 -44.90 27.18
N ARG D 100 2.02 -44.12 27.00
CA ARG D 100 3.14 -44.50 26.13
C ARG D 100 4.48 -44.30 26.83
N PRO D 101 4.80 -45.16 27.80
CA PRO D 101 6.18 -45.21 28.29
C PRO D 101 7.09 -45.84 27.26
N LEU D 102 8.37 -45.51 27.33
CA LEU D 102 9.28 -45.89 26.27
C LEU D 102 10.72 -45.91 26.78
N VAL D 103 11.55 -46.69 26.10
CA VAL D 103 12.96 -46.84 26.43
C VAL D 103 13.78 -46.87 25.15
N LYS D 104 15.01 -46.37 25.25
CA LYS D 104 15.91 -46.22 24.11
C LYS D 104 17.29 -46.75 24.45
N ILE D 105 18.04 -47.12 23.42
CA ILE D 105 19.43 -47.54 23.56
C ILE D 105 20.09 -47.42 22.20
N GLY D 106 21.34 -46.99 22.19
CA GLY D 106 22.07 -46.89 20.93
C GLY D 106 23.55 -46.67 21.17
N TYR D 107 24.33 -46.92 20.11
CA TYR D 107 25.77 -46.67 20.09
C TYR D 107 26.13 -45.91 18.83
N ASN D 108 27.08 -44.98 18.95
CA ASN D 108 27.49 -44.09 17.86
C ASN D 108 28.96 -44.30 17.54
N PHE D 109 29.26 -44.70 16.30
CA PHE D 109 30.61 -44.97 15.87
C PHE D 109 31.33 -43.69 15.45
N ASP D 110 32.66 -43.68 15.59
CA ASP D 110 33.45 -42.50 15.26
C ASP D 110 33.47 -42.25 13.76
N ASN D 111 33.28 -43.29 12.95
CA ASN D 111 33.31 -43.17 11.50
C ASN D 111 31.98 -42.70 10.91
N GLY D 112 30.96 -42.48 11.73
CA GLY D 112 29.68 -41.94 11.29
C GLY D 112 28.50 -42.84 11.59
N ILE D 113 28.69 -44.16 11.48
CA ILE D 113 27.59 -45.10 11.67
C ILE D 113 27.01 -44.95 13.06
N SER D 114 25.68 -45.00 13.14
CA SER D 114 24.97 -44.89 14.41
C SER D 114 23.75 -45.81 14.39
N LEU D 115 23.52 -46.50 15.50
CA LEU D 115 22.42 -47.45 15.64
C LEU D 115 21.59 -47.08 16.86
N SER D 116 20.30 -47.37 16.78
CA SER D 116 19.39 -46.99 17.85
C SER D 116 18.13 -47.83 17.78
N ASN D 117 17.54 -48.06 18.96
CA ASN D 117 16.20 -48.64 19.07
C ASN D 117 15.38 -47.82 20.06
N ARG D 118 14.11 -47.64 19.72
CA ARG D 118 13.14 -47.06 20.62
C ARG D 118 11.96 -48.03 20.72
N THR D 119 11.60 -48.40 21.95
CA THR D 119 10.41 -49.19 22.19
C THR D 119 9.46 -48.40 23.06
N ARG D 120 8.19 -48.34 22.66
CA ARG D 120 7.19 -47.53 23.31
C ARG D 120 5.95 -48.38 23.52
N ALA D 121 5.34 -48.24 24.69
CA ALA D 121 4.13 -49.00 25.01
C ALA D 121 2.91 -48.22 24.55
N HIS D 122 1.84 -48.94 24.21
CA HIS D 122 0.61 -48.35 23.69
C HIS D 122 -0.55 -48.79 24.58
N ILE D 123 -0.50 -48.37 25.84
CA ILE D 123 -1.50 -48.76 26.82
C ILE D 123 -2.79 -48.00 26.55
N ASP D 124 -3.78 -48.69 26.03
CA ASP D 124 -5.11 -48.12 25.85
C ASP D 124 -5.59 -47.46 27.14
N ALA D 125 -5.74 -46.14 27.09
CA ALA D 125 -6.28 -45.36 28.20
C ALA D 125 -7.79 -45.24 28.15
N THR D 126 -8.41 -45.66 27.05
CA THR D 126 -9.85 -45.66 26.93
C THR D 126 -10.43 -46.92 27.57
N ASP D 127 -11.77 -46.97 27.63
CA ASP D 127 -12.44 -48.14 28.18
C ASP D 127 -12.66 -49.24 27.15
N ALA D 128 -11.99 -49.17 26.00
CA ALA D 128 -11.95 -50.29 25.08
C ALA D 128 -11.00 -51.39 25.53
N ASP D 129 -10.26 -51.14 26.62
CA ASP D 129 -9.20 -52.01 27.17
C ASP D 129 -8.58 -52.91 26.12
N ALA D 130 -8.27 -52.35 24.94
CA ALA D 130 -7.62 -53.13 23.90
C ALA D 130 -6.25 -53.60 24.40
N LYS D 131 -5.80 -54.73 23.87
CA LYS D 131 -4.53 -55.28 24.31
C LYS D 131 -3.40 -54.33 23.97
N THR D 132 -2.62 -53.97 24.98
CA THR D 132 -1.51 -53.03 24.81
C THR D 132 -0.54 -53.51 23.75
N ASP D 133 -0.11 -52.59 22.89
CA ASP D 133 0.87 -52.88 21.86
C ASP D 133 2.19 -52.18 22.18
N TYR D 134 3.21 -52.53 21.39
CA TYR D 134 4.55 -52.00 21.58
C TYR D 134 5.08 -51.57 20.22
N ARG D 135 5.60 -50.34 20.15
CA ARG D 135 6.15 -49.81 18.92
C ARG D 135 7.68 -49.85 18.99
N MET D 136 8.30 -50.30 17.89
CA MET D 136 9.74 -50.42 17.82
C MET D 136 10.26 -49.61 16.64
N ASP D 137 11.15 -48.67 16.92
CA ASP D 137 11.83 -47.87 15.91
C ASP D 137 13.30 -48.25 15.96
N ASN D 138 13.78 -48.96 14.94
CA ASN D 138 15.17 -49.39 14.85
C ASN D 138 15.83 -48.70 13.68
N ARG D 139 16.90 -47.95 13.96
CA ARG D 139 17.42 -46.98 13.01
C ARG D 139 18.92 -47.16 12.80
N ILE D 140 19.34 -47.04 11.54
CA ILE D 140 20.75 -46.94 11.17
C ILE D 140 20.95 -45.60 10.49
N GLY D 141 22.13 -45.02 10.71
CA GLY D 141 22.46 -43.74 10.11
C GLY D 141 23.94 -43.57 9.80
N TYR D 142 24.25 -42.94 8.67
CA TYR D 142 25.61 -42.69 8.24
C TYR D 142 25.79 -41.18 8.04
N ALA D 143 26.69 -40.59 8.81
CA ALA D 143 27.04 -39.18 8.65
C ALA D 143 28.20 -39.10 7.67
N MET D 144 27.89 -39.08 6.37
CA MET D 144 28.92 -39.09 5.33
C MET D 144 29.87 -37.91 5.52
N ASN D 145 29.33 -36.73 5.84
CA ASN D 145 30.11 -35.59 6.31
C ASN D 145 29.17 -34.72 7.13
N GLU D 146 29.68 -33.59 7.61
CA GLU D 146 28.86 -32.75 8.47
C GLU D 146 27.82 -31.94 7.72
N ASP D 147 27.72 -32.09 6.40
CA ASP D 147 26.69 -31.41 5.63
C ASP D 147 25.51 -32.29 5.29
N VAL D 148 25.70 -33.60 5.19
CA VAL D 148 24.65 -34.51 4.74
C VAL D 148 24.67 -35.77 5.59
N THR D 149 23.50 -36.24 5.97
CA THR D 149 23.34 -37.44 6.77
C THR D 149 22.19 -38.27 6.21
N PHE D 150 22.40 -39.57 6.10
CA PHE D 150 21.38 -40.50 5.64
C PHE D 150 20.97 -41.41 6.79
N SER D 151 19.69 -41.76 6.82
CA SER D 151 19.19 -42.63 7.87
C SER D 151 18.03 -43.44 7.32
N TYR D 152 18.09 -44.75 7.54
CA TYR D 152 16.94 -45.61 7.35
C TYR D 152 16.44 -46.01 8.72
N ASN D 153 15.12 -45.93 8.91
CA ASN D 153 14.48 -46.32 10.15
C ASN D 153 13.43 -47.38 9.86
N ASN D 154 13.39 -48.41 10.70
CA ASN D 154 12.36 -49.44 10.64
C ASN D 154 11.38 -49.23 11.77
N VAL D 155 10.09 -49.21 11.45
CA VAL D 155 9.03 -49.12 12.45
C VAL D 155 8.26 -50.43 12.39
N TYR D 156 8.06 -51.04 13.55
CA TYR D 156 7.27 -52.26 13.65
C TYR D 156 6.38 -52.17 14.88
N MET D 157 5.13 -52.61 14.72
CA MET D 157 4.18 -52.76 15.83
C MET D 157 4.23 -54.20 16.32
N ILE D 158 4.55 -54.38 17.60
CA ILE D 158 4.93 -55.68 18.15
C ILE D 158 3.71 -56.56 18.43
N GLU D 159 2.56 -56.22 17.84
CA GLU D 159 1.37 -57.07 17.94
C GLU D 159 0.51 -56.95 16.70
N ALA D 160 0.27 -55.72 16.24
CA ALA D 160 -0.54 -55.53 15.04
C ALA D 160 0.16 -56.09 13.80
N GLU D 161 1.46 -56.36 13.89
CA GLU D 161 2.24 -56.97 12.80
C GLU D 161 2.14 -56.12 11.53
N THR D 162 2.39 -54.83 11.70
CA THR D 162 2.54 -53.89 10.61
C THR D 162 3.92 -53.28 10.68
N MET D 163 4.45 -52.89 9.53
CA MET D 163 5.83 -52.43 9.46
C MET D 163 5.96 -51.29 8.46
N ASP D 164 6.73 -50.28 8.87
CA ASP D 164 6.98 -49.08 8.08
C ASP D 164 8.46 -48.96 7.78
N HIS D 165 8.77 -48.46 6.58
CA HIS D 165 10.14 -48.29 6.10
C HIS D 165 10.39 -46.83 5.76
N GLU D 166 11.37 -46.21 6.43
CA GLU D 166 11.62 -44.79 6.30
C GLU D 166 13.05 -44.54 5.84
N LEU D 167 13.20 -43.80 4.75
CA LEU D 167 14.49 -43.36 4.22
C LEU D 167 14.55 -41.84 4.27
N ARG D 168 15.61 -41.30 4.87
CA ARG D 168 15.71 -39.85 5.08
C ARG D 168 17.11 -39.35 4.74
N ALA D 169 17.17 -38.20 4.08
CA ALA D 169 18.41 -37.47 3.83
C ALA D 169 18.29 -36.06 4.40
N THR D 170 19.29 -35.62 5.15
CA THR D 170 19.22 -34.33 5.84
C THR D 170 20.45 -33.48 5.52
N TRP D 171 20.23 -32.38 4.80
CA TRP D 171 21.25 -31.34 4.63
C TRP D 171 21.43 -30.68 5.99
N THR D 172 22.43 -31.12 6.77
CA THR D 172 22.62 -30.65 8.14
C THR D 172 23.58 -29.46 8.20
N ARG D 173 23.12 -28.35 7.65
CA ARG D 173 23.86 -27.11 7.66
C ARG D 173 23.62 -26.34 8.96
N GLN D 174 24.38 -25.27 9.14
CA GLN D 174 24.15 -24.36 10.24
C GLN D 174 22.89 -23.54 9.98
N GLY D 175 21.98 -23.53 10.96
CA GLY D 175 20.68 -22.93 10.79
C GLY D 175 19.62 -23.99 10.54
N VAL D 176 18.57 -23.63 9.81
CA VAL D 176 17.50 -24.58 9.49
C VAL D 176 18.07 -25.73 8.68
N GLN D 177 17.96 -26.95 9.24
CA GLN D 177 18.41 -28.18 8.61
C GLN D 177 17.23 -28.83 7.90
N PRO D 178 17.06 -28.64 6.60
CA PRO D 178 15.96 -29.29 5.88
C PRO D 178 16.25 -30.77 5.63
N TYR D 179 15.19 -31.49 5.28
CA TYR D 179 15.33 -32.92 5.07
C TYR D 179 14.20 -33.40 4.18
N PHE D 180 14.49 -34.38 3.34
CA PHE D 180 13.48 -35.12 2.63
C PHE D 180 13.49 -36.57 3.09
N GLU D 181 12.29 -37.14 3.25
CA GLU D 181 12.17 -38.51 3.73
C GLU D 181 11.11 -39.23 2.90
N PHE D 182 11.42 -40.47 2.52
CA PHE D 182 10.45 -41.34 1.88
C PHE D 182 9.95 -42.36 2.90
N ARG D 183 8.63 -42.49 3.01
CA ARG D 183 8.01 -43.41 3.96
C ARG D 183 7.14 -44.41 3.21
N SER D 184 7.35 -45.70 3.50
CA SER D 184 6.47 -46.78 3.05
C SER D 184 5.83 -47.43 4.28
N GLN D 185 4.54 -47.17 4.48
CA GLN D 185 3.89 -47.40 5.75
C GLN D 185 2.77 -48.43 5.64
N ALA D 186 2.40 -48.99 6.80
CA ALA D 186 1.22 -49.85 6.95
C ALA D 186 1.31 -51.08 6.05
N HIS D 187 2.47 -51.73 6.04
CA HIS D 187 2.60 -53.05 5.44
C HIS D 187 2.11 -54.09 6.44
N GLY D 188 1.12 -54.87 6.04
CA GLY D 188 0.41 -55.77 6.93
C GLY D 188 -1.01 -55.35 7.25
N ALA D 189 -1.36 -54.09 7.00
CA ALA D 189 -2.69 -53.58 7.29
C ALA D 189 -3.58 -53.67 6.07
N GLU D 190 -4.84 -54.04 6.29
CA GLU D 190 -5.84 -54.14 5.24
C GLU D 190 -7.16 -53.58 5.75
N ASN D 191 -8.04 -53.23 4.81
CA ASN D 191 -9.34 -52.68 5.18
C ASN D 191 -10.27 -53.82 5.59
N ALA D 192 -11.57 -53.51 5.69
CA ALA D 192 -12.55 -54.55 5.98
C ALA D 192 -12.77 -55.46 4.78
N ALA D 193 -12.41 -55.03 3.57
CA ALA D 193 -12.50 -55.86 2.38
C ALA D 193 -11.16 -56.49 2.00
N GLY D 194 -10.22 -56.54 2.94
CA GLY D 194 -8.97 -57.25 2.74
C GLY D 194 -8.04 -56.67 1.68
N ASP D 195 -8.30 -55.46 1.19
CA ASP D 195 -7.40 -54.79 0.27
C ASP D 195 -6.28 -54.09 1.04
N SER D 196 -5.17 -53.86 0.35
CA SER D 196 -3.98 -53.37 1.03
C SER D 196 -4.15 -51.90 1.43
N LEU D 197 -3.87 -51.62 2.70
CA LEU D 197 -3.85 -50.25 3.20
C LEU D 197 -2.47 -49.59 3.07
N VAL D 198 -1.58 -50.13 2.23
CA VAL D 198 -0.23 -49.60 2.15
C VAL D 198 -0.25 -48.17 1.61
N ASN D 199 0.54 -47.30 2.24
CA ASN D 199 0.64 -45.89 1.87
C ASN D 199 2.10 -45.48 1.77
N ASN D 200 2.46 -44.83 0.65
CA ASN D 200 3.79 -44.26 0.45
C ASN D 200 3.72 -42.74 0.61
N ALA D 201 4.72 -42.17 1.30
CA ALA D 201 4.68 -40.76 1.67
C ALA D 201 5.99 -40.06 1.34
N PHE D 202 5.87 -38.87 0.73
CA PHE D 202 6.99 -37.99 0.45
C PHE D 202 6.98 -36.88 1.50
N VAL D 203 8.04 -36.81 2.31
CA VAL D 203 8.05 -35.99 3.52
C VAL D 203 9.12 -34.93 3.39
N PHE D 204 8.71 -33.66 3.43
CA PHE D 204 9.62 -32.52 3.39
C PHE D 204 9.56 -31.80 4.73
N GLY D 205 10.69 -31.75 5.42
CA GLY D 205 10.72 -31.20 6.76
C GLY D 205 11.96 -30.37 6.99
N ALA D 206 12.07 -29.87 8.22
CA ALA D 206 13.17 -29.01 8.62
C ALA D 206 13.30 -29.06 10.13
N SER D 207 14.51 -28.75 10.61
CA SER D 207 14.83 -28.80 12.02
C SER D 207 15.76 -27.63 12.34
N TYR D 208 15.65 -27.10 13.55
CA TYR D 208 16.50 -25.99 13.96
C TYR D 208 16.72 -26.00 15.46
N GLY D 209 17.98 -25.89 15.88
CA GLY D 209 18.35 -26.03 17.28
C GLY D 209 19.11 -24.82 17.79
N PHE D 210 18.82 -24.44 19.03
CA PHE D 210 19.48 -23.29 19.67
C PHE D 210 19.31 -23.35 21.18
C1 C8E E . -4.67 11.48 -15.59
C2 C8E E . -3.96 11.83 -16.92
C3 C8E E . -4.79 11.40 -18.13
C4 C8E E . -6.03 12.24 -18.26
C5 C8E E . -7.28 11.48 -17.81
C6 C8E E . -7.53 10.30 -18.67
C7 C8E E . -7.21 8.97 -17.94
C8 C8E E . -8.14 8.62 -16.73
O9 C8E E . -7.89 7.23 -16.32
C10 C8E E . -6.53 7.01 -15.86
C11 C8E E . -6.56 6.24 -14.53
O12 C8E E . -5.56 6.80 -13.67
C13 C8E E . -4.19 6.72 -14.08
C14 C8E E . -3.64 8.23 -13.98
O15 C8E E . -2.34 8.29 -13.28
C16 C8E E . -2.02 9.60 -12.71
C17 C8E E . -2.21 10.74 -13.82
O18 C8E E . -1.55 11.98 -13.39
C19 C8E E . -1.83 13.09 -14.37
C20 C8E E . -0.59 13.61 -15.26
O21 C8E E . -0.04 12.64 -16.20
C7 C8E F . -6.66 3.69 0.38
C8 C8E F . -7.78 2.94 1.09
O9 C8E F . -8.31 1.89 0.27
C10 C8E F . -8.11 0.60 0.82
C11 C8E F . -9.36 -0.28 0.68
O12 C8E F . -10.18 -0.15 1.83
C13 C8E F . -10.77 -1.38 2.24
C14 C8E F . -12.26 -1.22 2.50
O15 C8E F . -12.90 -2.39 2.00
C16 C8E F . -14.24 -2.16 1.63
C17 C8E F . -15.10 -2.03 2.89
O18 C8E F . -16.44 -1.87 2.49
C19 C8E F . -16.94 -2.97 1.75
C20 C8E F . -18.16 -3.51 2.49
O21 C8E F . -19.34 -3.04 1.87
C1 C8E G . 9.46 -8.27 -4.22
C2 C8E G . 10.04 -7.10 -3.41
C3 C8E G . 10.29 -5.89 -4.30
C4 C8E G . 9.89 -4.59 -3.61
C5 C8E G . 10.72 -3.41 -4.09
C6 C8E G . 10.06 -2.75 -5.30
C7 C8E G . 8.59 -2.42 -5.05
C8 C8E G . 7.89 -1.83 -6.26
O9 C8E G . 6.55 -2.28 -6.34
C10 C8E G . 5.58 -1.44 -5.74
C11 C8E G . 4.23 -2.08 -5.95
O12 C8E G . 3.57 -2.17 -4.69
C13 C8E G . 2.16 -2.31 -4.83
C14 C8E G . 1.50 -0.96 -4.54
O15 C8E G . 0.17 -1.23 -4.18
C16 C8E G . -0.75 -0.49 -4.95
C17 C8E G . -2.10 -1.19 -4.95
O18 C8E G . -2.69 -0.96 -6.22
C19 C8E G . -2.08 -1.70 -7.25
C20 C8E G . -3.16 -2.19 -8.21
O21 C8E G . -2.56 -2.47 -9.47
C10 C8E H . -1.70 9.65 6.31
C11 C8E H . -1.23 11.07 6.63
O12 C8E H . -0.12 11.03 7.51
C13 C8E H . 0.48 12.30 7.68
C14 C8E H . 1.99 12.19 7.88
O15 C8E H . 2.33 12.77 9.12
C16 C8E H . 3.35 13.77 9.08
C17 C8E H . 4.71 13.15 8.77
O18 C8E H . 5.74 13.97 9.27
C19 C8E H . 6.92 13.24 9.59
C20 C8E H . 7.99 13.47 8.53
O21 C8E H . 9.25 13.01 8.97
C6 C8E I . 5.59 16.18 7.30
C7 C8E I . 6.32 17.16 6.41
C8 C8E I . 5.48 17.56 5.19
O9 C8E I . 4.93 18.84 5.38
C10 C8E I . 5.87 19.90 5.16
C11 C8E I . 5.51 21.07 6.07
O12 C8E I . 6.12 22.26 5.59
C13 C8E I . 5.20 23.31 5.41
C14 C8E I . 4.35 23.52 6.66
O15 C8E I . 3.06 22.97 6.48
C16 C8E I . 2.03 23.92 6.54
C17 C8E I . 1.14 23.81 5.30
O18 C8E I . -0.11 24.42 5.53
C19 C8E I . -0.11 25.83 5.51
C20 C8E I . -1.29 26.32 4.67
C1 C8E J . -4.89 25.63 -7.13
C2 C8E J . -4.13 26.75 -7.85
C3 C8E J . -4.95 27.52 -8.91
C4 C8E J . -4.20 28.56 -9.77
C5 C8E J . -4.90 28.89 -11.10
C6 C8E J . -5.89 27.81 -11.60
C7 C8E J . -5.41 27.02 -12.83
C8 C8E J . -6.43 25.98 -13.36
O9 C8E J . -6.21 25.61 -14.72
C10 C8E J . -5.16 24.68 -14.99
C11 C8E J . -4.74 24.75 -16.47
O12 C8E J . -3.70 23.85 -16.83
C13 C8E J . -2.70 24.41 -17.69
C14 C8E J . -3.10 24.42 -19.17
O15 C8E J . -3.10 25.73 -19.73
C16 C8E J . -4.10 25.93 -20.72
C17 C8E J . -4.34 27.41 -21.02
O18 C8E J . -5.73 27.72 -21.14
C19 C8E J . -6.44 28.12 -19.96
C20 C8E J . -7.01 26.96 -19.11
O21 C8E J . -8.33 27.24 -18.63
C10 C8E K . -7.80 38.85 0.00
C11 C8E K . -6.47 39.41 -0.51
O12 C8E K . -5.53 39.47 0.54
C13 C8E K . -4.23 39.07 0.16
C14 C8E K . -3.44 38.59 1.37
O15 C8E K . -2.55 39.62 1.75
C16 C8E K . -1.18 39.26 1.79
C17 C8E K . -0.82 38.96 3.24
O18 C8E K . 0.57 38.68 3.34
C19 C8E K . 1.36 39.84 3.53
C20 C8E K . 2.62 39.43 4.28
O21 C8E K . 3.70 40.27 3.93
C11 C8E L . -3.56 29.08 -3.44
O12 C8E L . -2.73 30.20 -3.73
C13 C8E L . -1.34 29.95 -3.58
C14 C8E L . -0.79 30.81 -2.45
O15 C8E L . 0.40 31.44 -2.86
C16 C8E L . 1.54 30.65 -2.59
C17 C8E L . 2.80 31.51 -2.72
O18 C8E L . 2.76 32.51 -1.74
C19 C8E L . 3.20 32.00 -0.50
C20 C8E L . 4.69 32.27 -0.34
O21 C8E L . 4.92 32.54 1.03
C11 C8E M . -19.55 34.03 -34.16
O12 C8E M . -18.59 33.44 -33.30
C13 C8E M . -17.39 34.19 -33.30
C14 C8E M . -16.20 33.37 -32.78
O15 C8E M . -15.18 34.32 -32.56
C16 C8E M . -13.85 33.86 -32.73
C17 C8E M . -13.05 34.12 -31.45
O18 C8E M . -12.20 33.02 -31.16
C19 C8E M . -10.91 33.19 -31.70
C20 C8E M . -9.93 32.20 -31.06
O21 C8E M . -10.65 31.52 -30.06
O12 C8E N . -18.04 36.94 -36.62
C13 C8E N . -16.71 37.37 -36.78
C14 C8E N . -15.75 36.46 -36.01
O15 C8E N . -14.44 37.01 -36.12
C16 C8E N . -13.39 36.17 -35.67
C17 C8E N . -12.09 36.97 -35.63
O18 C8E N . -11.22 36.45 -34.66
C19 C8E N . -10.21 35.57 -35.16
C20 C8E N . -8.91 35.85 -34.41
O21 C8E N . -7.90 36.31 -35.29
C1 C8E O . -1.27 59.59 -20.95
C2 C8E O . -1.47 58.17 -21.45
C3 C8E O . -2.58 57.44 -20.68
C4 C8E O . -3.26 56.39 -21.57
C5 C8E O . -4.76 56.62 -21.75
C6 C8E O . -5.26 55.95 -23.04
C7 C8E O . -6.73 55.51 -23.00
C8 C8E O . -7.11 54.86 -24.34
O9 C8E O . -7.84 53.65 -24.19
C10 C8E O . -9.09 53.64 -24.85
C11 C8E O . -10.13 52.90 -23.99
O12 C8E O . -10.34 53.64 -22.80
C13 C8E O . -11.59 53.37 -22.17
C14 C8E O . -12.08 54.47 -21.22
O15 C8E O . -11.35 54.55 -20.00
C16 C8E O . -12.12 54.40 -18.80
C17 C8E O . -13.44 55.16 -18.88
O18 C8E O . -14.32 54.69 -17.89
C19 C8E O . -15.08 55.75 -17.31
C20 C8E O . -16.59 55.45 -17.34
O21 C8E O . -17.29 56.20 -16.37
C11 C8E P . -7.73 48.07 0.12
O12 C8E P . -6.83 48.14 1.22
C13 C8E P . -5.49 48.45 0.87
C14 C8E P . -4.45 47.87 1.84
O15 C8E P . -3.27 48.63 1.65
C16 C8E P . -2.03 48.04 2.02
C17 C8E P . -0.99 49.16 2.05
O18 C8E P . 0.28 48.63 2.34
C19 C8E P . 1.35 49.34 1.75
C20 C8E P . 2.57 49.16 2.64
O21 C8E P . 3.70 49.78 2.04
C13 C8E Q . -3.38 54.42 -3.55
C14 C8E Q . -2.06 55.16 -3.29
O15 C8E Q . -1.07 54.23 -2.89
C16 C8E Q . 0.24 54.68 -3.17
C17 C8E Q . 1.00 54.97 -1.88
O18 C8E Q . 2.34 54.54 -1.97
C19 C8E Q . 3.29 55.60 -2.06
C20 C8E Q . 4.30 55.51 -0.92
O21 C8E Q . 5.57 55.12 -1.40
P PO4 R . -28.34 54.12 -15.70
O1 PO4 R . -26.87 54.50 -15.53
O2 PO4 R . -28.52 52.71 -15.22
O3 PO4 R . -29.24 55.06 -14.93
O4 PO4 R . -28.71 54.23 -17.16
NA NA S . 12.15 29.45 -13.18
C6 C8E T . -11.29 1.38 6.77
C7 C8E T . -10.92 0.47 5.60
C8 C8E T . -9.69 0.97 4.86
O9 C8E T . -8.64 1.37 5.74
C10 C8E T . -7.42 0.71 5.50
C11 C8E T . -6.83 1.19 4.17
O12 C8E T . -5.50 1.67 4.29
C13 C8E T . -4.91 1.94 3.02
C14 C8E T . -3.92 0.84 2.68
O15 C8E T . -2.87 1.36 1.88
C16 C8E T . -2.77 0.71 0.64
C17 C8E T . -1.94 -0.55 0.77
O18 C8E T . -1.07 -0.68 -0.34
C19 C8E T . 0.27 -0.89 0.04
C20 C8E T . 1.16 -0.86 -1.19
O21 C8E T . 1.98 -2.00 -1.33
O9 C8E U . 6.06 -24.53 13.89
C10 C8E U . 5.77 -23.72 12.77
C11 C8E U . 4.90 -24.52 11.79
O12 C8E U . 4.11 -23.65 11.01
C13 C8E U . 3.37 -24.38 10.04
C14 C8E U . 4.11 -24.39 8.70
C10 C8E V . -18.05 -9.29 -4.35
C11 C8E V . -16.65 -9.69 -4.83
O12 C8E V . -15.78 -8.57 -4.78
C13 C8E V . -14.42 -8.95 -4.67
C14 C8E V . -13.64 -7.94 -3.80
O15 C8E V . -12.55 -7.42 -4.55
C16 C8E V . -11.30 -7.39 -3.87
C17 C8E V . -10.95 -5.96 -3.39
O18 C8E V . -9.54 -5.86 -3.21
C19 C8E V . -9.16 -5.06 -2.11
C20 C8E V . -8.59 -5.91 -0.96
O21 C8E V . -8.48 -5.11 0.21
O12 C8E W . -14.21 -14.82 -7.91
C13 C8E W . -13.69 -13.60 -7.45
C14 C8E W . -12.30 -13.33 -8.03
O15 C8E W . -11.52 -12.67 -7.05
C16 C8E W . -11.89 -11.31 -6.91
C17 C8E W . -10.77 -10.35 -7.33
O18 C8E W . -9.70 -10.45 -6.41
C19 C8E W . -8.52 -9.83 -6.90
C20 C8E W . -7.78 -9.17 -5.73
O21 C8E W . -7.24 -7.94 -6.15
C10 C8E X . -4.97 -27.65 -2.97
C11 C8E X . -4.29 -28.58 -1.98
O12 C8E X . -3.51 -27.83 -1.06
C13 C8E X . -3.79 -28.13 0.29
C14 C8E X . -3.11 -27.11 1.19
O15 C8E X . -2.31 -26.22 0.42
C16 C8E X . -0.91 -26.44 0.53
C17 C8E X . -0.46 -26.39 1.99
O18 C8E X . 0.94 -26.16 1.97
C19 C8E X . 1.31 -25.01 2.71
C20 C8E X . 2.30 -25.44 3.80
O21 C8E X . 3.59 -24.93 3.52
NA NA Y . -10.37 -32.79 12.07
O9 C8E Z . 2.18 -25.05 21.19
C10 C8E Z . 2.06 -25.99 20.14
C11 C8E Z . 3.36 -26.78 19.96
O12 C8E Z . 3.43 -27.31 18.65
C13 C8E Z . 4.76 -27.43 18.16
C14 C8E Z . 5.19 -26.18 17.42
#